data_9E0I
#
_entry.id   9E0I
#
_cell.length_a   1.00
_cell.length_b   1.00
_cell.length_c   1.00
_cell.angle_alpha   90.00
_cell.angle_beta   90.00
_cell.angle_gamma   90.00
#
_symmetry.space_group_name_H-M   'P 1'
#
loop_
_entity.id
_entity.type
_entity.pdbx_description
1 polymer 'Angiotensin-converting enzyme 2'
2 polymer 'Spike glycoprotein'
3 branched 2-acetamido-2-deoxy-beta-D-glucopyranose-(1-4)-2-acetamido-2-deoxy-beta-D-glucopyranose
4 branched beta-D-mannopyranose-(1-4)-2-acetamido-2-deoxy-beta-D-glucopyranose-(1-4)-[alpha-L-fucopyranose-(1-6)]2-acetamido-2-deoxy-beta-D-glucopyranose
5 non-polymer 2-acetamido-2-deoxy-beta-D-glucopyranose
6 non-polymer 'ZINC ION'
7 water water
#
loop_
_entity_poly.entity_id
_entity_poly.type
_entity_poly.pdbx_seq_one_letter_code
_entity_poly.pdbx_strand_id
1 'polypeptide(L)'
;MTGSFWLLLSLVAVTAAQSTTEEQAKTFLEKFNHEAEDLSYQSSLASWNYNTNITDENVQKMNEARAKWSAFYEEQSRMA
KTYSLEEIQNLTLKRQLKALQHSGTSALSAEKSKRLNTILNKMSTIYSTGKVLDPNTQECLALEPGLDDIMENSRDYNRR
LWAWEGWRAEVGKQLRPLYEEYVVLENEMARANNYEDYGDYWRGDYEVTGAGDYDYSRDQLMKDVERTFAEIKPLYEQLH
AYVRAKLMHTYPSYISPTGCLPAHLLGDMWGRFWTNLYSLTVPFEHKPSIDVTEKMENQSWDAERIFKEAEKFFVSISLP
YMTQGFWDNSMLTEPGDGRKVVCHPTAWDLGKGDFRIKMCTKVTMDDFLTAHHEMGHIQYDMAYAAQPYLLRNGANEGFH
EAVGEIMSLSAATPHYLKALGLLAPDFHEDNETEINFLLKQALTIVGTLPFTYMLEKWRWMVFKGEIPKQQWMEKWWEMK
REIVGVVEPLPHDETYCDPACLFHVAEDYSFIRYYTRTIYQFQFHEALCKTAKHEGALFKCDISNSTEAGQRLLQMLRLG
KSEPWTLALENIVGIKTMDVKPLLNYFEPLFTWLKEQNRNSFVGWSTEWTPYSDQSIKVRISLKSALGENAYEWNDNEMY
LFQSSVAYAMRKYFSEARNETVLFGEDNVWVSDKKPRISFKFFVTSPNNVSDIIPRTEVENAIRLSRDRINDVFQLDDNS
LEFLGIQPTLGPPYEPPVTHHHHHHHHGGSSGLNDIFEAQKIEWHE
;
A
2 'polypeptide(L)'
;MGILPSPGMPALLSLVSLLSVLLMGCVAETGTQECDFTPMLTGTPPPIYNFKRLVFTNCNYNLTKLLSLFQVSEFSCHQV
SPSSLATGCYSSLTVDYFAYSTDMSSYLQPGSAGEIVQFNYKQDFSNPTCRVLATVPQNLTTITKPSNYAYLTECYKTSA
YGKNYLYNAPGGYTPCLSLASRGFSTKYQSHSDGELTTTGYIYPVTGNLQMAFIISVQYGTDTNSVCPMQLVPRGSSSGG
SGLNDIFEAQKIEWHEGGSHHHHHHHH
;
B
#
loop_
_chem_comp.id
_chem_comp.type
_chem_comp.name
_chem_comp.formula
BMA D-saccharide, beta linking beta-D-mannopyranose 'C6 H12 O6'
FUC L-saccharide, alpha linking alpha-L-fucopyranose 'C6 H12 O5'
NAG D-saccharide, beta linking 2-acetamido-2-deoxy-beta-D-glucopyranose 'C8 H15 N O6'
ZN non-polymer 'ZINC ION' 'Zn 2'
#
# COMPACT_ATOMS: atom_id res chain seq x y z
N THR A 20 -32.59 15.82 -16.45
CA THR A 20 -32.31 15.15 -17.72
C THR A 20 -31.62 13.82 -17.50
N THR A 21 -30.63 13.52 -18.34
CA THR A 21 -29.87 12.29 -18.19
C THR A 21 -28.97 12.34 -16.96
N GLU A 22 -28.47 13.54 -16.63
CA GLU A 22 -27.56 13.68 -15.50
C GLU A 22 -28.25 13.36 -14.17
N GLU A 23 -29.50 13.77 -14.03
CA GLU A 23 -30.24 13.50 -12.79
C GLU A 23 -30.48 12.00 -12.60
N GLN A 24 -30.88 11.31 -13.67
CA GLN A 24 -31.09 9.87 -13.59
C GLN A 24 -29.78 9.14 -13.33
N ALA A 25 -28.68 9.61 -13.93
CA ALA A 25 -27.38 9.01 -13.66
C ALA A 25 -26.96 9.23 -12.21
N LYS A 26 -27.27 10.41 -11.66
CA LYS A 26 -26.97 10.68 -10.25
C LYS A 26 -27.74 9.75 -9.33
N THR A 27 -29.02 9.54 -9.63
CA THR A 27 -29.82 8.59 -8.85
C THR A 27 -29.25 7.18 -8.95
N PHE A 28 -28.89 6.76 -10.17
CA PHE A 28 -28.33 5.44 -10.39
C PHE A 28 -27.03 5.26 -9.61
N LEU A 29 -26.18 6.28 -9.61
CA LEU A 29 -24.90 6.17 -8.92
C LEU A 29 -25.06 6.20 -7.40
N GLU A 30 -26.03 6.96 -6.88
CA GLU A 30 -26.32 6.90 -5.45
C GLU A 30 -26.74 5.50 -5.04
N LYS A 31 -27.62 4.88 -5.84
CA LYS A 31 -28.03 3.52 -5.53
C LYS A 31 -26.85 2.54 -5.60
N PHE A 32 -26.00 2.69 -6.62
CA PHE A 32 -24.85 1.79 -6.75
C PHE A 32 -23.91 1.94 -5.57
N ASN A 33 -23.62 3.17 -5.16
CA ASN A 33 -22.71 3.40 -4.04
C ASN A 33 -23.28 2.85 -2.75
N HIS A 34 -24.59 3.00 -2.55
CA HIS A 34 -25.20 2.44 -1.34
C HIS A 34 -25.11 0.92 -1.32
N GLU A 35 -25.34 0.28 -2.47
CA GLU A 35 -25.43 -1.18 -2.46
C GLU A 35 -24.08 -1.88 -2.55
N ALA A 36 -23.04 -1.22 -3.06
CA ALA A 36 -21.77 -1.92 -3.27
C ALA A 36 -20.98 -2.14 -2.00
N GLU A 37 -21.21 -1.33 -0.96
CA GLU A 37 -20.35 -1.36 0.23
C GLU A 37 -20.39 -2.72 0.92
N ASP A 38 -21.59 -3.23 1.22
CA ASP A 38 -21.71 -4.48 1.96
C ASP A 38 -21.16 -5.66 1.16
N LEU A 39 -21.47 -5.72 -0.13
CA LEU A 39 -21.00 -6.85 -0.94
C LEU A 39 -19.49 -6.86 -1.06
N SER A 40 -18.90 -5.68 -1.33
CA SER A 40 -17.45 -5.60 -1.40
C SER A 40 -16.81 -5.97 -0.07
N TYR A 41 -17.39 -5.51 1.05
CA TYR A 41 -16.83 -5.83 2.35
C TYR A 41 -16.89 -7.32 2.63
N GLN A 42 -18.02 -7.97 2.32
CA GLN A 42 -18.13 -9.40 2.59
C GLN A 42 -17.16 -10.21 1.74
N SER A 43 -16.99 -9.83 0.47
CA SER A 43 -16.02 -10.51 -0.38
C SER A 43 -14.60 -10.34 0.16
N SER A 44 -14.25 -9.11 0.57
CA SER A 44 -12.90 -8.88 1.12
C SER A 44 -12.69 -9.66 2.42
N LEU A 45 -13.69 -9.70 3.29
CA LEU A 45 -13.56 -10.44 4.54
C LEU A 45 -13.41 -11.93 4.30
N ALA A 46 -14.17 -12.49 3.34
CA ALA A 46 -14.01 -13.90 3.02
C ALA A 46 -12.61 -14.18 2.47
N SER A 47 -12.09 -13.30 1.61
CA SER A 47 -10.75 -13.48 1.08
C SER A 47 -9.70 -13.42 2.19
N TRP A 48 -9.85 -12.48 3.13
CA TRP A 48 -8.93 -12.39 4.25
C TRP A 48 -8.98 -13.64 5.12
N ASN A 49 -10.19 -14.13 5.41
CA ASN A 49 -10.33 -15.31 6.26
C ASN A 49 -9.73 -16.54 5.59
N TYR A 50 -9.80 -16.63 4.26
CA TYR A 50 -9.11 -17.73 3.59
C TYR A 50 -7.60 -17.56 3.64
N ASN A 51 -7.10 -16.33 3.42
CA ASN A 51 -5.66 -16.15 3.29
C ASN A 51 -4.91 -16.42 4.59
N THR A 52 -5.50 -16.11 5.74
CA THR A 52 -4.86 -16.35 7.02
C THR A 52 -5.26 -17.69 7.64
N ASN A 53 -6.16 -18.44 7.02
CA ASN A 53 -6.64 -19.71 7.57
C ASN A 53 -7.10 -20.58 6.39
N ILE A 54 -6.20 -21.43 5.92
CA ILE A 54 -6.40 -22.16 4.67
C ILE A 54 -7.15 -23.45 4.98
N THR A 55 -8.45 -23.46 4.70
CA THR A 55 -9.30 -24.64 4.83
C THR A 55 -10.28 -24.67 3.67
N ASP A 56 -10.81 -25.87 3.39
CA ASP A 56 -11.69 -26.04 2.24
C ASP A 56 -12.97 -25.23 2.39
N GLU A 57 -13.54 -25.21 3.61
CA GLU A 57 -14.73 -24.41 3.85
C GLU A 57 -14.49 -22.93 3.61
N ASN A 58 -13.30 -22.44 3.98
CA ASN A 58 -12.96 -21.04 3.72
C ASN A 58 -12.88 -20.77 2.22
N VAL A 59 -12.34 -21.72 1.45
CA VAL A 59 -12.33 -21.59 -0.01
C VAL A 59 -13.76 -21.48 -0.53
N GLN A 60 -14.65 -22.33 -0.02
CA GLN A 60 -16.04 -22.32 -0.49
C GLN A 60 -16.71 -20.98 -0.17
N LYS A 61 -16.50 -20.46 1.03
CA LYS A 61 -17.08 -19.17 1.41
C LYS A 61 -16.54 -18.05 0.54
N MET A 62 -15.22 -18.05 0.30
CA MET A 62 -14.61 -17.03 -0.53
C MET A 62 -15.17 -17.06 -1.95
N ASN A 63 -15.34 -18.26 -2.51
CA ASN A 63 -15.90 -18.38 -3.85
C ASN A 63 -17.33 -17.87 -3.90
N GLU A 64 -18.14 -18.19 -2.87
CA GLU A 64 -19.52 -17.71 -2.85
C GLU A 64 -19.58 -16.19 -2.80
N ALA A 65 -18.75 -15.58 -1.94
CA ALA A 65 -18.75 -14.12 -1.84
C ALA A 65 -18.33 -13.47 -3.16
N ARG A 66 -17.28 -14.02 -3.79
CA ARG A 66 -16.84 -13.48 -5.07
C ARG A 66 -17.92 -13.61 -6.13
N ALA A 67 -18.64 -14.74 -6.15
CA ALA A 67 -19.71 -14.92 -7.12
C ALA A 67 -20.81 -13.90 -6.93
N LYS A 68 -21.20 -13.64 -5.68
CA LYS A 68 -22.24 -12.65 -5.42
C LYS A 68 -21.80 -11.27 -5.89
N TRP A 69 -20.57 -10.87 -5.56
CA TRP A 69 -20.10 -9.56 -5.99
C TRP A 69 -20.05 -9.46 -7.51
N SER A 70 -19.60 -10.52 -8.19
CA SER A 70 -19.52 -10.50 -9.64
C SER A 70 -20.89 -10.38 -10.28
N ALA A 71 -21.87 -11.10 -9.76
CA ALA A 71 -23.23 -11.00 -10.32
C ALA A 71 -23.78 -9.59 -10.15
N PHE A 72 -23.60 -9.01 -8.96
CA PHE A 72 -24.06 -7.64 -8.74
C PHE A 72 -23.39 -6.68 -9.71
N TYR A 73 -22.07 -6.80 -9.87
CA TYR A 73 -21.34 -5.85 -10.70
C TYR A 73 -21.72 -5.99 -12.16
N GLU A 74 -21.96 -7.22 -12.63
CA GLU A 74 -22.39 -7.41 -14.01
C GLU A 74 -23.75 -6.77 -14.26
N GLU A 75 -24.70 -6.98 -13.33
CA GLU A 75 -26.01 -6.35 -13.51
C GLU A 75 -25.91 -4.82 -13.50
N GLN A 76 -25.06 -4.27 -12.62
CA GLN A 76 -24.95 -2.82 -12.53
C GLN A 76 -24.24 -2.24 -13.75
N SER A 77 -23.26 -2.94 -14.30
CA SER A 77 -22.62 -2.47 -15.54
C SER A 77 -23.61 -2.49 -16.69
N ARG A 78 -24.44 -3.54 -16.77
CA ARG A 78 -25.46 -3.59 -17.81
C ARG A 78 -26.42 -2.42 -17.68
N MET A 79 -26.85 -2.10 -16.45
CA MET A 79 -27.73 -0.95 -16.27
C MET A 79 -27.03 0.36 -16.58
N ALA A 80 -25.72 0.47 -16.30
CA ALA A 80 -24.99 1.71 -16.52
C ALA A 80 -24.80 2.00 -18.01
N LYS A 81 -24.66 0.95 -18.82
CA LYS A 81 -24.37 1.17 -20.25
C LYS A 81 -25.48 1.93 -20.96
N THR A 82 -26.67 2.04 -20.38
CA THR A 82 -27.78 2.74 -21.01
C THR A 82 -27.65 4.27 -20.95
N TYR A 83 -26.76 4.81 -20.13
CA TYR A 83 -26.58 6.25 -20.02
C TYR A 83 -25.46 6.71 -20.95
N SER A 84 -25.65 7.88 -21.56
CA SER A 84 -24.70 8.41 -22.54
C SER A 84 -23.70 9.33 -21.86
N LEU A 85 -22.41 9.03 -22.06
CA LEU A 85 -21.36 9.81 -21.40
C LEU A 85 -21.29 11.24 -21.94
N GLU A 86 -21.66 11.44 -23.21
CA GLU A 86 -21.56 12.77 -23.81
C GLU A 86 -22.53 13.76 -23.18
N GLU A 87 -23.65 13.26 -22.65
CA GLU A 87 -24.64 14.14 -22.02
C GLU A 87 -24.25 14.58 -20.62
N ILE A 88 -23.41 13.80 -19.93
CA ILE A 88 -23.06 14.10 -18.54
C ILE A 88 -22.04 15.22 -18.51
N GLN A 89 -22.29 16.22 -17.66
CA GLN A 89 -21.39 17.35 -17.51
C GLN A 89 -20.42 17.20 -16.35
N ASN A 90 -20.91 16.79 -15.19
CA ASN A 90 -20.04 16.67 -14.02
C ASN A 90 -19.01 15.57 -14.23
N LEU A 91 -17.75 15.86 -13.87
CA LEU A 91 -16.66 14.96 -14.17
C LEU A 91 -16.58 13.78 -13.21
N THR A 92 -17.00 13.95 -11.96
CA THR A 92 -17.02 12.83 -11.02
C THR A 92 -18.00 11.75 -11.48
N LEU A 93 -19.21 12.17 -11.85
CA LEU A 93 -20.19 11.24 -12.36
C LEU A 93 -19.71 10.61 -13.66
N LYS A 94 -19.05 11.39 -14.51
CA LYS A 94 -18.57 10.87 -15.78
C LYS A 94 -17.49 9.81 -15.56
N ARG A 95 -16.58 10.03 -14.62
CA ARG A 95 -15.55 9.05 -14.32
C ARG A 95 -16.17 7.76 -13.76
N GLN A 96 -17.14 7.89 -12.85
CA GLN A 96 -17.79 6.69 -12.32
C GLN A 96 -18.51 5.92 -13.42
N LEU A 97 -19.23 6.64 -14.29
CA LEU A 97 -19.98 5.98 -15.36
C LEU A 97 -19.05 5.33 -16.37
N LYS A 98 -17.91 5.98 -16.68
CA LYS A 98 -16.96 5.38 -17.61
C LYS A 98 -16.34 4.12 -17.01
N ALA A 99 -16.04 4.14 -15.71
CA ALA A 99 -15.55 2.93 -15.07
C ALA A 99 -16.59 1.82 -15.12
N LEU A 100 -17.86 2.16 -14.91
CA LEU A 100 -18.91 1.15 -14.89
C LEU A 100 -19.28 0.64 -16.28
N GLN A 101 -19.08 1.43 -17.33
CA GLN A 101 -19.53 1.09 -18.66
C GLN A 101 -18.54 0.23 -19.43
N HIS A 102 -17.36 -0.04 -18.88
CA HIS A 102 -16.38 -0.86 -19.57
C HIS A 102 -16.81 -2.32 -19.57
N SER A 103 -16.86 -2.92 -20.75
CA SER A 103 -17.27 -4.32 -20.88
C SER A 103 -16.10 -5.28 -20.78
N GLY A 104 -14.98 -4.98 -21.43
CA GLY A 104 -13.85 -5.89 -21.42
C GLY A 104 -14.13 -7.13 -22.26
N THR A 105 -13.76 -8.28 -21.71
CA THR A 105 -13.96 -9.55 -22.42
C THR A 105 -15.42 -9.83 -22.70
N SER A 106 -16.34 -9.19 -21.97
CA SER A 106 -17.77 -9.35 -22.24
C SER A 106 -18.16 -8.81 -23.61
N ALA A 107 -17.31 -7.98 -24.24
CA ALA A 107 -17.60 -7.54 -25.59
C ALA A 107 -17.42 -8.65 -26.62
N LEU A 108 -16.66 -9.69 -26.28
CA LEU A 108 -16.51 -10.86 -27.15
C LEU A 108 -17.75 -11.74 -27.07
N SER A 109 -17.90 -12.60 -28.07
CA SER A 109 -18.95 -13.61 -28.04
C SER A 109 -18.63 -14.67 -26.99
N ALA A 110 -19.64 -15.46 -26.64
CA ALA A 110 -19.48 -16.45 -25.57
C ALA A 110 -18.41 -17.48 -25.92
N GLU A 111 -18.41 -17.96 -27.16
CA GLU A 111 -17.41 -18.95 -27.57
C GLU A 111 -16.00 -18.36 -27.51
N LYS A 112 -15.82 -17.14 -28.00
CA LYS A 112 -14.51 -16.51 -27.97
C LYS A 112 -14.04 -16.24 -26.54
N SER A 113 -14.95 -15.79 -25.67
CA SER A 113 -14.59 -15.53 -24.28
C SER A 113 -14.19 -16.83 -23.58
N LYS A 114 -14.92 -17.92 -23.84
CA LYS A 114 -14.56 -19.21 -23.25
C LYS A 114 -13.20 -19.68 -23.75
N ARG A 115 -12.93 -19.49 -25.03
CA ARG A 115 -11.63 -19.86 -25.57
C ARG A 115 -10.51 -19.05 -24.93
N LEU A 116 -10.72 -17.75 -24.74
CA LEU A 116 -9.71 -16.90 -24.12
C LEU A 116 -9.43 -17.33 -22.68
N ASN A 117 -10.49 -17.64 -21.92
CA ASN A 117 -10.29 -18.12 -20.57
C ASN A 117 -9.53 -19.44 -20.54
N THR A 118 -9.86 -20.35 -21.46
CA THR A 118 -9.14 -21.62 -21.54
C THR A 118 -7.66 -21.41 -21.82
N ILE A 119 -7.35 -20.51 -22.76
CA ILE A 119 -5.95 -20.22 -23.10
C ILE A 119 -5.22 -19.62 -21.91
N LEU A 120 -5.85 -18.69 -21.19
CA LEU A 120 -5.20 -18.06 -20.05
C LEU A 120 -4.91 -19.08 -18.95
N ASN A 121 -5.88 -19.95 -18.65
CA ASN A 121 -5.67 -20.98 -17.64
C ASN A 121 -4.57 -21.94 -18.06
N LYS A 122 -4.54 -22.32 -19.34
CA LYS A 122 -3.49 -23.22 -19.81
C LYS A 122 -2.11 -22.60 -19.67
N MET A 123 -1.97 -21.33 -20.05
CA MET A 123 -0.66 -20.68 -19.93
C MET A 123 -0.23 -20.56 -18.47
N SER A 124 -1.16 -20.23 -17.58
CA SER A 124 -0.83 -20.13 -16.16
C SER A 124 -0.38 -21.49 -15.61
N THR A 125 -1.11 -22.56 -15.96
CA THR A 125 -0.74 -23.89 -15.48
C THR A 125 0.61 -24.33 -16.03
N ILE A 126 0.87 -24.06 -17.31
CA ILE A 126 2.16 -24.43 -17.91
C ILE A 126 3.29 -23.70 -17.20
N TYR A 127 3.11 -22.42 -16.90
CA TYR A 127 4.14 -21.68 -16.18
C TYR A 127 4.34 -22.24 -14.77
N SER A 128 3.25 -22.56 -14.08
CA SER A 128 3.36 -22.94 -12.68
C SER A 128 3.90 -24.35 -12.48
N THR A 129 3.64 -25.28 -13.41
CA THR A 129 4.00 -26.68 -13.20
C THR A 129 5.14 -27.14 -14.11
N GLY A 130 5.81 -26.23 -14.82
CA GLY A 130 6.89 -26.63 -15.69
C GLY A 130 8.10 -27.12 -14.91
N LYS A 131 8.79 -28.10 -15.50
CA LYS A 131 9.93 -28.73 -14.85
C LYS A 131 11.00 -29.11 -15.88
N VAL A 132 12.24 -29.12 -15.42
CA VAL A 132 13.40 -29.47 -16.24
C VAL A 132 14.14 -30.61 -15.55
N LEU A 133 14.49 -31.64 -16.32
CA LEU A 133 15.09 -32.85 -15.75
C LEU A 133 16.62 -32.75 -15.84
N ASP A 134 17.28 -32.81 -14.68
CA ASP A 134 18.73 -32.76 -14.61
C ASP A 134 19.31 -34.10 -15.02
N PRO A 135 20.12 -34.18 -16.07
CA PRO A 135 20.64 -35.49 -16.51
C PRO A 135 21.51 -36.18 -15.48
N ASN A 136 22.28 -35.42 -14.68
CA ASN A 136 23.26 -36.04 -13.79
C ASN A 136 22.59 -36.76 -12.62
N THR A 137 21.64 -36.09 -11.97
CA THR A 137 21.06 -36.60 -10.73
C THR A 137 19.68 -37.21 -10.91
N GLN A 138 19.13 -37.20 -12.13
CA GLN A 138 17.79 -37.71 -12.39
C GLN A 138 16.76 -37.04 -11.47
N GLU A 139 16.88 -35.73 -11.33
CA GLU A 139 15.98 -34.94 -10.49
C GLU A 139 15.28 -33.90 -11.34
N CYS A 140 13.98 -33.72 -11.11
CA CYS A 140 13.21 -32.71 -11.82
C CYS A 140 13.18 -31.44 -10.99
N LEU A 141 13.56 -30.33 -11.60
CA LEU A 141 13.60 -29.03 -10.94
C LEU A 141 12.49 -28.16 -11.52
N ALA A 142 11.68 -27.59 -10.63
CA ALA A 142 10.75 -26.54 -11.02
C ALA A 142 11.45 -25.19 -10.96
N LEU A 143 10.78 -24.17 -11.47
CA LEU A 143 11.35 -22.83 -11.43
C LEU A 143 11.58 -22.38 -9.99
N GLU A 144 10.61 -22.62 -9.12
CA GLU A 144 10.72 -22.30 -7.70
C GLU A 144 10.62 -23.59 -6.89
N PRO A 145 11.59 -23.91 -6.03
CA PRO A 145 12.84 -23.19 -5.76
C PRO A 145 14.02 -23.69 -6.58
N GLY A 146 13.80 -24.70 -7.42
CA GLY A 146 14.90 -25.41 -8.07
C GLY A 146 15.81 -24.60 -8.96
N LEU A 147 15.25 -24.03 -10.03
CA LEU A 147 16.06 -23.29 -10.99
C LEU A 147 16.43 -21.90 -10.46
N ASP A 148 15.59 -21.32 -9.60
CA ASP A 148 15.87 -20.01 -9.04
C ASP A 148 17.11 -20.05 -8.16
N ASP A 149 17.32 -21.13 -7.43
CA ASP A 149 18.51 -21.26 -6.60
C ASP A 149 19.77 -21.29 -7.45
N ILE A 150 19.72 -21.93 -8.61
CA ILE A 150 20.92 -21.92 -9.51
C ILE A 150 21.16 -20.49 -10.01
N MET A 151 20.17 -19.85 -10.61
CA MET A 151 20.40 -18.51 -11.23
C MET A 151 20.80 -17.47 -10.17
N GLU A 152 20.16 -17.48 -9.00
CA GLU A 152 20.56 -16.54 -7.91
C GLU A 152 21.98 -16.79 -7.35
N ASN A 153 22.38 -18.05 -7.13
CA ASN A 153 23.69 -18.28 -6.42
C ASN A 153 24.84 -18.90 -7.21
N SER A 154 24.60 -19.53 -8.36
CA SER A 154 25.72 -20.26 -9.05
C SER A 154 26.77 -19.31 -9.66
N ARG A 155 28.03 -19.73 -9.67
CA ARG A 155 29.12 -18.95 -10.35
C ARG A 155 29.71 -19.89 -11.40
N ASP A 156 29.09 -21.05 -11.62
CA ASP A 156 29.47 -22.01 -12.64
C ASP A 156 28.82 -21.62 -13.95
N TYR A 157 29.64 -21.33 -14.95
CA TYR A 157 29.13 -20.91 -16.25
C TYR A 157 28.23 -21.98 -16.87
N ASN A 158 28.69 -23.24 -16.84
CA ASN A 158 27.97 -24.33 -17.50
C ASN A 158 26.65 -24.64 -16.81
N ARG A 159 26.64 -24.64 -15.47
CA ARG A 159 25.41 -24.93 -14.74
C ARG A 159 24.35 -23.86 -14.98
N ARG A 160 24.76 -22.59 -14.95
CA ARG A 160 23.85 -21.50 -15.24
C ARG A 160 23.34 -21.58 -16.69
N LEU A 161 24.22 -21.92 -17.63
CA LEU A 161 23.77 -22.07 -19.01
C LEU A 161 22.77 -23.20 -19.15
N TRP A 162 23.02 -24.32 -18.48
CA TRP A 162 22.08 -25.44 -18.53
C TRP A 162 20.71 -25.03 -18.01
N ALA A 163 20.67 -24.33 -16.88
CA ALA A 163 19.38 -23.91 -16.32
C ALA A 163 18.67 -22.89 -17.23
N TRP A 164 19.41 -21.88 -17.68
CA TRP A 164 18.83 -20.83 -18.52
C TRP A 164 18.26 -21.39 -19.82
N GLU A 165 18.98 -22.31 -20.45
CA GLU A 165 18.53 -22.88 -21.71
C GLU A 165 17.41 -23.91 -21.50
N GLY A 166 17.49 -24.70 -20.44
CA GLY A 166 16.47 -25.70 -20.19
C GLY A 166 15.12 -25.09 -19.89
N TRP A 167 15.09 -24.02 -19.10
CA TRP A 167 13.81 -23.38 -18.80
C TRP A 167 13.14 -22.84 -20.07
N ARG A 168 13.92 -22.23 -20.96
CA ARG A 168 13.35 -21.65 -22.17
C ARG A 168 12.99 -22.71 -23.21
N ALA A 169 13.73 -23.81 -23.26
CA ALA A 169 13.41 -24.87 -24.22
C ALA A 169 12.23 -25.71 -23.76
N GLU A 170 12.07 -25.92 -22.45
CA GLU A 170 11.02 -26.80 -21.95
C GLU A 170 9.67 -26.13 -21.79
N VAL A 171 9.63 -24.84 -21.47
CA VAL A 171 8.40 -24.14 -21.13
C VAL A 171 7.94 -23.19 -22.24
N GLY A 172 8.87 -22.39 -22.77
CA GLY A 172 8.50 -21.41 -23.78
C GLY A 172 8.01 -22.02 -25.08
N LYS A 173 8.59 -23.15 -25.47
CA LYS A 173 8.15 -23.81 -26.70
C LYS A 173 6.71 -24.33 -26.58
N GLN A 174 6.26 -24.63 -25.37
CA GLN A 174 4.85 -24.96 -25.18
C GLN A 174 3.97 -23.71 -25.25
N LEU A 175 4.46 -22.58 -24.75
CA LEU A 175 3.67 -21.35 -24.69
C LEU A 175 3.61 -20.61 -26.02
N ARG A 176 4.47 -20.93 -26.98
CA ARG A 176 4.47 -20.19 -28.25
C ARG A 176 3.12 -20.23 -28.97
N PRO A 177 2.51 -21.39 -29.26
CA PRO A 177 1.24 -21.36 -30.00
C PRO A 177 0.08 -20.79 -29.19
N LEU A 178 0.06 -21.05 -27.89
CA LEU A 178 -0.97 -20.47 -27.03
C LEU A 178 -0.89 -18.96 -27.02
N TYR A 179 0.33 -18.41 -26.93
CA TYR A 179 0.49 -16.96 -26.94
C TYR A 179 0.10 -16.37 -28.29
N GLU A 180 0.39 -17.09 -29.38
CA GLU A 180 -0.05 -16.64 -30.69
C GLU A 180 -1.58 -16.52 -30.76
N GLU A 181 -2.30 -17.50 -30.21
CA GLU A 181 -3.76 -17.41 -30.21
C GLU A 181 -4.26 -16.32 -29.26
N TYR A 182 -3.58 -16.16 -28.12
CA TYR A 182 -3.95 -15.16 -27.13
C TYR A 182 -3.86 -13.74 -27.69
N VAL A 183 -2.83 -13.48 -28.50
CA VAL A 183 -2.66 -12.15 -29.08
C VAL A 183 -3.86 -11.79 -29.97
N VAL A 184 -4.27 -12.72 -30.83
CA VAL A 184 -5.39 -12.48 -31.73
C VAL A 184 -6.67 -12.24 -30.94
N LEU A 185 -6.93 -13.08 -29.93
CA LEU A 185 -8.15 -12.91 -29.15
C LEU A 185 -8.18 -11.58 -28.41
N GLU A 186 -7.04 -11.17 -27.82
CA GLU A 186 -7.01 -9.91 -27.10
C GLU A 186 -7.15 -8.71 -28.02
N ASN A 187 -6.59 -8.79 -29.24
CA ASN A 187 -6.80 -7.71 -30.20
C ASN A 187 -8.27 -7.59 -30.59
N GLU A 188 -8.95 -8.73 -30.78
CA GLU A 188 -10.38 -8.68 -31.06
C GLU A 188 -11.15 -8.06 -29.90
N MET A 189 -10.80 -8.41 -28.66
CA MET A 189 -11.43 -7.81 -27.49
C MET A 189 -11.20 -6.30 -27.47
N ALA A 190 -9.98 -5.86 -27.73
CA ALA A 190 -9.66 -4.44 -27.68
C ALA A 190 -10.41 -3.66 -28.75
N ARG A 191 -10.49 -4.20 -29.96
CA ARG A 191 -11.23 -3.51 -31.02
C ARG A 191 -12.72 -3.52 -30.76
N ALA A 192 -13.23 -4.49 -30.00
CA ALA A 192 -14.64 -4.47 -29.65
C ALA A 192 -14.97 -3.34 -28.68
N ASN A 193 -14.01 -2.90 -27.87
CA ASN A 193 -14.20 -1.81 -26.93
C ASN A 193 -13.72 -0.47 -27.48
N ASN A 194 -13.60 -0.35 -28.81
CA ASN A 194 -13.21 0.90 -29.48
C ASN A 194 -11.81 1.34 -29.10
N TYR A 195 -10.86 0.41 -29.21
CA TYR A 195 -9.44 0.69 -29.06
C TYR A 195 -8.70 0.23 -30.31
N GLU A 196 -7.56 0.88 -30.59
CA GLU A 196 -6.76 0.48 -31.74
C GLU A 196 -6.25 -0.95 -31.60
N ASP A 197 -5.73 -1.30 -30.42
CA ASP A 197 -5.27 -2.65 -30.14
C ASP A 197 -5.15 -2.82 -28.63
N TYR A 198 -4.63 -3.96 -28.20
CA TYR A 198 -4.58 -4.30 -26.79
C TYR A 198 -3.58 -3.43 -26.02
N GLY A 199 -2.47 -3.03 -26.68
CA GLY A 199 -1.53 -2.14 -26.03
C GLY A 199 -2.10 -0.76 -25.80
N ASP A 200 -2.88 -0.25 -26.76
CA ASP A 200 -3.60 1.00 -26.59
C ASP A 200 -4.61 0.90 -25.45
N TYR A 201 -5.28 -0.25 -25.35
CA TYR A 201 -6.18 -0.53 -24.23
C TYR A 201 -5.44 -0.46 -22.89
N TRP A 202 -4.26 -1.07 -22.81
CA TRP A 202 -3.48 -1.01 -21.57
C TRP A 202 -3.04 0.42 -21.26
N ARG A 203 -2.59 1.17 -22.28
CA ARG A 203 -2.15 2.54 -22.06
C ARG A 203 -3.30 3.47 -21.70
N GLY A 204 -4.55 3.05 -21.92
CA GLY A 204 -5.69 3.83 -21.46
C GLY A 204 -5.70 4.12 -19.97
N ASP A 205 -4.84 3.48 -19.18
CA ASP A 205 -4.77 3.77 -17.75
C ASP A 205 -4.31 5.19 -17.47
N TYR A 206 -3.47 5.77 -18.32
CA TYR A 206 -2.90 7.09 -18.10
C TYR A 206 -3.66 8.20 -18.82
N GLU A 207 -4.74 7.88 -19.52
CA GLU A 207 -5.41 8.84 -20.38
C GLU A 207 -6.26 9.82 -19.58
N VAL A 208 -6.15 11.11 -19.92
CA VAL A 208 -6.92 12.17 -19.29
C VAL A 208 -7.61 12.96 -20.40
N THR A 209 -8.92 13.12 -20.29
CA THR A 209 -9.70 13.83 -21.29
C THR A 209 -10.61 14.85 -20.62
N GLY A 210 -10.91 15.91 -21.35
CA GLY A 210 -11.82 16.94 -20.86
C GLY A 210 -11.35 17.66 -19.60
N ALA A 211 -10.06 18.00 -19.55
CA ALA A 211 -9.50 18.66 -18.37
C ALA A 211 -8.62 19.84 -18.72
N GLY A 212 -8.57 20.25 -19.99
CA GLY A 212 -7.80 21.43 -20.37
C GLY A 212 -6.31 21.18 -20.47
N ASP A 213 -5.53 21.93 -19.70
CA ASP A 213 -4.09 21.76 -19.68
C ASP A 213 -3.64 20.48 -19.02
N TYR A 214 -4.54 19.75 -18.36
CA TYR A 214 -4.22 18.50 -17.70
C TYR A 214 -4.50 17.28 -18.55
N ASP A 215 -4.94 17.47 -19.79
CA ASP A 215 -5.22 16.35 -20.68
C ASP A 215 -3.93 15.60 -21.01
N TYR A 216 -4.07 14.29 -21.23
CA TYR A 216 -2.93 13.41 -21.49
C TYR A 216 -3.42 12.28 -22.38
N SER A 217 -2.83 12.14 -23.56
CA SER A 217 -3.25 11.13 -24.50
C SER A 217 -2.45 9.84 -24.33
N ARG A 218 -2.91 8.79 -25.00
CA ARG A 218 -2.27 7.48 -24.89
C ARG A 218 -0.96 7.40 -25.67
N ASP A 219 -0.80 8.21 -26.72
CA ASP A 219 0.48 8.27 -27.44
C ASP A 219 1.52 9.10 -26.68
N GLN A 220 1.06 10.08 -25.89
CA GLN A 220 1.96 10.86 -25.07
C GLN A 220 2.72 9.99 -24.09
N LEU A 221 2.11 8.88 -23.63
CA LEU A 221 2.79 7.99 -22.71
C LEU A 221 4.04 7.38 -23.35
N MET A 222 3.90 6.88 -24.58
CA MET A 222 5.05 6.32 -25.28
C MET A 222 6.10 7.38 -25.53
N LYS A 223 5.68 8.59 -25.93
CA LYS A 223 6.63 9.67 -26.14
C LYS A 223 7.41 10.00 -24.86
N ASP A 224 6.72 10.08 -23.73
CA ASP A 224 7.37 10.42 -22.47
C ASP A 224 8.31 9.31 -22.00
N VAL A 225 7.92 8.05 -22.19
CA VAL A 225 8.79 6.94 -21.80
C VAL A 225 10.08 6.98 -22.60
N GLU A 226 9.97 7.19 -23.92
CA GLU A 226 11.18 7.28 -24.74
C GLU A 226 12.05 8.46 -24.32
N ARG A 227 11.42 9.61 -24.06
CA ARG A 227 12.19 10.80 -23.69
C ARG A 227 12.95 10.61 -22.39
N THR A 228 12.32 9.99 -21.39
CA THR A 228 13.00 9.79 -20.11
C THR A 228 14.07 8.71 -20.22
N PHE A 229 13.84 7.68 -21.02
CA PHE A 229 14.85 6.63 -21.15
C PHE A 229 16.11 7.15 -21.83
N ALA A 230 15.95 8.05 -22.81
CA ALA A 230 17.13 8.64 -23.44
C ALA A 230 17.99 9.38 -22.43
N GLU A 231 17.37 10.02 -21.44
CA GLU A 231 18.13 10.68 -20.39
C GLU A 231 18.74 9.69 -19.40
N ILE A 232 18.07 8.55 -19.18
CA ILE A 232 18.60 7.54 -18.28
C ILE A 232 19.85 6.85 -18.85
N LYS A 233 19.97 6.78 -20.18
CA LYS A 233 20.99 5.94 -20.80
C LYS A 233 22.45 6.15 -20.35
N PRO A 234 22.97 7.37 -20.20
CA PRO A 234 24.41 7.50 -19.82
C PRO A 234 24.78 6.88 -18.47
N LEU A 235 23.96 7.07 -17.44
CA LEU A 235 24.23 6.46 -16.14
C LEU A 235 24.22 4.94 -16.25
N TYR A 236 23.27 4.39 -17.00
CA TYR A 236 23.19 2.96 -17.20
C TYR A 236 24.42 2.44 -17.94
N GLU A 237 24.95 3.21 -18.89
CA GLU A 237 26.16 2.78 -19.60
C GLU A 237 27.36 2.74 -18.66
N GLN A 238 27.51 3.74 -17.79
CA GLN A 238 28.59 3.69 -16.80
C GLN A 238 28.45 2.46 -15.89
N LEU A 239 27.24 2.19 -15.43
CA LEU A 239 27.01 1.01 -14.58
C LEU A 239 27.30 -0.29 -15.33
N HIS A 240 26.89 -0.35 -16.60
CA HIS A 240 27.12 -1.53 -17.43
C HIS A 240 28.61 -1.80 -17.60
N ALA A 241 29.39 -0.75 -17.88
CA ALA A 241 30.84 -0.93 -18.02
C ALA A 241 31.48 -1.39 -16.71
N TYR A 242 31.05 -0.81 -15.58
CA TYR A 242 31.60 -1.26 -14.30
C TYR A 242 31.30 -2.73 -14.05
N VAL A 243 30.07 -3.16 -14.29
CA VAL A 243 29.68 -4.55 -14.06
C VAL A 243 30.44 -5.48 -15.00
N ARG A 244 30.61 -5.09 -16.27
CA ARG A 244 31.34 -5.93 -17.21
C ARG A 244 32.80 -6.10 -16.78
N ALA A 245 33.43 -5.02 -16.35
CA ALA A 245 34.81 -5.13 -15.87
C ALA A 245 34.92 -6.00 -14.63
N LYS A 246 33.94 -5.92 -13.72
CA LYS A 246 33.95 -6.79 -12.55
C LYS A 246 33.76 -8.26 -12.94
N LEU A 247 32.83 -8.54 -13.85
CA LEU A 247 32.52 -9.91 -14.21
C LEU A 247 33.62 -10.57 -15.02
N MET A 248 34.45 -9.78 -15.71
CA MET A 248 35.56 -10.39 -16.45
C MET A 248 36.54 -11.11 -15.53
N HIS A 249 36.59 -10.77 -14.24
CA HIS A 249 37.44 -11.50 -13.31
C HIS A 249 36.84 -12.86 -12.96
N THR A 250 35.52 -12.93 -12.80
CA THR A 250 34.86 -14.18 -12.47
C THR A 250 34.76 -15.13 -13.66
N TYR A 251 34.59 -14.59 -14.87
CA TYR A 251 34.45 -15.40 -16.08
C TYR A 251 35.44 -14.93 -17.13
N PRO A 252 36.74 -15.21 -16.93
CA PRO A 252 37.70 -14.98 -18.01
C PRO A 252 37.43 -15.91 -19.17
N SER A 253 37.69 -15.42 -20.38
CA SER A 253 37.50 -16.09 -21.66
C SER A 253 36.03 -16.24 -22.04
N TYR A 254 35.10 -15.73 -21.24
CA TYR A 254 33.68 -15.80 -21.56
C TYR A 254 33.06 -14.45 -21.88
N ILE A 255 33.77 -13.35 -21.63
CA ILE A 255 33.20 -12.01 -21.71
C ILE A 255 34.12 -11.16 -22.56
N SER A 256 33.58 -10.57 -23.62
CA SER A 256 34.28 -9.61 -24.45
C SER A 256 34.39 -8.26 -23.72
N PRO A 257 35.57 -7.64 -23.73
CA PRO A 257 35.71 -6.33 -23.08
C PRO A 257 34.92 -5.21 -23.74
N THR A 258 34.48 -5.38 -24.98
CA THR A 258 33.72 -4.34 -25.68
C THR A 258 32.34 -4.79 -26.11
N GLY A 259 31.87 -5.94 -25.64
CA GLY A 259 30.62 -6.52 -26.09
C GLY A 259 29.51 -6.51 -25.05
N CYS A 260 28.39 -7.11 -25.45
CA CYS A 260 27.24 -7.26 -24.57
C CYS A 260 27.52 -8.32 -23.50
N LEU A 261 26.71 -8.28 -22.46
CA LEU A 261 26.81 -9.28 -21.39
C LEU A 261 26.00 -10.52 -21.76
N PRO A 262 26.55 -11.72 -21.57
CA PRO A 262 25.75 -12.93 -21.76
C PRO A 262 24.54 -12.96 -20.84
N ALA A 263 23.40 -13.41 -21.39
CA ALA A 263 22.11 -13.25 -20.72
C ALA A 263 21.97 -14.11 -19.47
N HIS A 264 22.75 -15.19 -19.33
CA HIS A 264 22.59 -16.14 -18.25
C HIS A 264 23.53 -15.90 -17.08
N LEU A 265 24.23 -14.76 -17.03
CA LEU A 265 25.16 -14.46 -15.96
C LEU A 265 24.77 -13.20 -15.17
N LEU A 266 23.47 -12.91 -15.08
CA LEU A 266 23.02 -11.62 -14.58
C LEU A 266 22.33 -11.69 -13.21
N GLY A 267 22.28 -12.86 -12.57
CA GLY A 267 21.84 -12.96 -11.21
C GLY A 267 20.43 -13.50 -11.00
N ASP A 268 19.60 -13.57 -12.04
CA ASP A 268 18.33 -14.28 -11.95
C ASP A 268 18.01 -14.87 -13.31
N MET A 269 16.82 -15.46 -13.44
CA MET A 269 16.49 -16.22 -14.63
C MET A 269 16.32 -15.33 -15.87
N TRP A 270 15.96 -14.07 -15.68
CA TRP A 270 15.70 -13.18 -16.81
C TRP A 270 16.63 -11.96 -16.87
N GLY A 271 17.41 -11.69 -15.83
CA GLY A 271 18.12 -10.43 -15.79
C GLY A 271 17.26 -9.24 -15.45
N ARG A 272 16.09 -9.46 -14.85
CA ARG A 272 15.22 -8.35 -14.47
C ARG A 272 15.88 -7.46 -13.42
N PHE A 273 16.55 -8.05 -12.45
CA PHE A 273 17.31 -7.31 -11.45
C PHE A 273 18.77 -7.77 -11.46
N TRP A 274 19.67 -6.83 -11.17
CA TRP A 274 21.10 -7.12 -11.04
C TRP A 274 21.53 -7.23 -9.58
N THR A 275 20.58 -7.37 -8.66
CA THR A 275 20.86 -7.33 -7.22
C THR A 275 21.85 -8.42 -6.81
N ASN A 276 21.58 -9.66 -7.21
CA ASN A 276 22.37 -10.81 -6.75
C ASN A 276 23.81 -10.78 -7.25
N LEU A 277 24.21 -9.79 -8.03
CA LEU A 277 25.58 -9.62 -8.45
C LEU A 277 26.40 -8.79 -7.48
N TYR A 278 25.80 -8.34 -6.37
CA TYR A 278 26.47 -7.40 -5.48
C TYR A 278 27.78 -7.97 -4.93
N SER A 279 27.76 -9.23 -4.50
CA SER A 279 28.97 -9.83 -3.92
C SER A 279 30.11 -9.91 -4.91
N LEU A 280 29.82 -9.85 -6.22
CA LEU A 280 30.89 -9.85 -7.21
C LEU A 280 31.30 -8.45 -7.63
N THR A 281 30.55 -7.41 -7.23
CA THR A 281 30.77 -6.06 -7.74
C THR A 281 30.89 -5.01 -6.65
N VAL A 282 31.02 -5.41 -5.39
CA VAL A 282 31.04 -4.43 -4.29
C VAL A 282 32.31 -3.58 -4.39
N PRO A 283 32.19 -2.25 -4.43
CA PRO A 283 33.40 -1.41 -4.62
C PRO A 283 34.42 -1.53 -3.51
N PHE A 284 34.01 -1.73 -2.26
CA PHE A 284 34.92 -1.81 -1.11
C PHE A 284 34.48 -2.98 -0.24
N GLU A 285 35.07 -4.15 -0.49
CA GLU A 285 34.67 -5.36 0.21
C GLU A 285 35.05 -5.32 1.69
N HIS A 286 36.11 -4.58 2.04
CA HIS A 286 36.57 -4.55 3.42
C HIS A 286 35.65 -3.73 4.32
N LYS A 287 34.80 -2.89 3.74
CA LYS A 287 33.89 -2.07 4.53
C LYS A 287 32.54 -2.75 4.64
N PRO A 288 32.06 -3.05 5.84
CA PRO A 288 30.77 -3.73 5.98
C PRO A 288 29.60 -2.76 5.94
N SER A 289 28.46 -3.25 5.45
CA SER A 289 27.28 -2.43 5.33
C SER A 289 26.63 -2.23 6.70
N ILE A 290 25.70 -1.27 6.76
CA ILE A 290 24.97 -1.00 7.99
C ILE A 290 23.88 -2.05 8.15
N ASP A 291 23.89 -2.75 9.28
CA ASP A 291 22.89 -3.76 9.60
C ASP A 291 22.59 -3.67 11.08
N VAL A 292 21.32 -3.42 11.40
CA VAL A 292 20.91 -3.20 12.78
C VAL A 292 20.26 -4.43 13.40
N THR A 293 20.29 -5.56 12.70
CA THR A 293 19.62 -6.76 13.19
C THR A 293 20.20 -7.23 14.52
N GLU A 294 21.52 -7.23 14.64
CA GLU A 294 22.15 -7.66 15.88
C GLU A 294 21.79 -6.73 17.03
N LYS A 295 21.74 -5.42 16.75
CA LYS A 295 21.33 -4.46 17.77
C LYS A 295 19.87 -4.66 18.17
N MET A 296 19.02 -5.04 17.22
CA MET A 296 17.63 -5.32 17.53
C MET A 296 17.50 -6.57 18.40
N GLU A 297 18.31 -7.59 18.13
CA GLU A 297 18.30 -8.79 18.96
C GLU A 297 18.85 -8.53 20.35
N ASN A 298 19.87 -7.66 20.46
CA ASN A 298 20.44 -7.36 21.76
C ASN A 298 19.47 -6.61 22.66
N GLN A 299 18.60 -5.78 22.07
CA GLN A 299 17.64 -5.00 22.83
C GLN A 299 16.27 -5.68 22.93
N SER A 300 16.16 -6.92 22.45
CA SER A 300 14.96 -7.74 22.59
C SER A 300 13.73 -7.06 21.95
N TRP A 301 13.85 -6.81 20.65
CA TRP A 301 12.71 -6.30 19.89
C TRP A 301 11.79 -7.45 19.50
N ASP A 302 10.54 -7.09 19.17
CA ASP A 302 9.60 -8.01 18.57
C ASP A 302 8.87 -7.28 17.44
N ALA A 303 7.98 -8.00 16.76
CA ALA A 303 7.28 -7.44 15.60
C ALA A 303 6.41 -6.25 16.01
N GLU A 304 5.73 -6.36 17.16
CA GLU A 304 4.85 -5.29 17.60
C GLU A 304 5.64 -3.99 17.81
N ARG A 305 6.83 -4.08 18.37
CA ARG A 305 7.65 -2.89 18.54
C ARG A 305 8.07 -2.29 17.21
N ILE A 306 8.35 -3.14 16.23
CA ILE A 306 8.70 -2.67 14.89
C ILE A 306 7.56 -1.85 14.29
N PHE A 307 6.34 -2.38 14.40
CA PHE A 307 5.19 -1.64 13.85
C PHE A 307 4.87 -0.41 14.68
N LYS A 308 5.14 -0.44 15.99
CA LYS A 308 4.98 0.76 16.81
C LYS A 308 5.95 1.86 16.36
N GLU A 309 7.18 1.48 16.01
CA GLU A 309 8.14 2.46 15.51
C GLU A 309 7.70 3.02 14.16
N ALA A 310 7.16 2.18 13.28
CA ALA A 310 6.64 2.70 12.01
C ALA A 310 5.49 3.67 12.24
N GLU A 311 4.58 3.34 13.16
CA GLU A 311 3.49 4.25 13.51
C GLU A 311 4.02 5.57 14.04
N LYS A 312 5.04 5.51 14.90
CA LYS A 312 5.64 6.75 15.42
C LYS A 312 6.26 7.58 14.31
N PHE A 313 6.89 6.93 13.33
CA PHE A 313 7.45 7.67 12.20
C PHE A 313 6.36 8.41 11.45
N PHE A 314 5.24 7.75 11.19
CA PHE A 314 4.16 8.44 10.48
C PHE A 314 3.52 9.54 11.31
N VAL A 315 3.43 9.34 12.63
CA VAL A 315 2.87 10.38 13.49
C VAL A 315 3.78 11.60 13.51
N SER A 316 5.10 11.40 13.45
CA SER A 316 6.04 12.51 13.51
C SER A 316 5.89 13.49 12.34
N ILE A 317 5.37 13.05 11.20
CA ILE A 317 5.12 13.94 10.07
C ILE A 317 3.65 14.37 10.00
N SER A 318 2.91 14.24 11.11
CA SER A 318 1.53 14.71 11.25
C SER A 318 0.53 13.88 10.44
N LEU A 319 0.78 12.58 10.33
CA LEU A 319 -0.22 11.66 9.81
C LEU A 319 -0.97 10.99 10.97
N PRO A 320 -2.16 10.46 10.72
CA PRO A 320 -2.95 9.87 11.80
C PRO A 320 -2.34 8.59 12.34
N TYR A 321 -2.80 8.21 13.54
CA TYR A 321 -2.44 6.94 14.15
C TYR A 321 -3.14 5.78 13.43
N MET A 322 -2.73 4.57 13.77
CA MET A 322 -3.47 3.39 13.36
C MET A 322 -4.74 3.26 14.20
N THR A 323 -5.67 2.45 13.72
CA THR A 323 -6.89 2.19 14.45
C THR A 323 -6.68 1.03 15.43
N GLN A 324 -7.56 0.97 16.44
CA GLN A 324 -7.51 -0.14 17.40
C GLN A 324 -7.81 -1.47 16.71
N GLY A 325 -8.72 -1.45 15.73
CA GLY A 325 -8.97 -2.63 14.93
C GLY A 325 -7.75 -3.10 14.18
N PHE A 326 -6.92 -2.17 13.71
CA PHE A 326 -5.68 -2.54 13.06
C PHE A 326 -4.80 -3.37 14.00
N TRP A 327 -4.74 -2.98 15.27
CA TRP A 327 -3.88 -3.69 16.21
C TRP A 327 -4.46 -5.04 16.60
N ASP A 328 -5.79 -5.14 16.78
CA ASP A 328 -6.34 -6.40 17.25
C ASP A 328 -6.85 -7.32 16.14
N ASN A 329 -6.72 -6.94 14.87
CA ASN A 329 -7.18 -7.79 13.78
C ASN A 329 -6.11 -8.13 12.76
N SER A 330 -4.94 -7.49 12.81
CA SER A 330 -3.87 -7.80 11.88
C SER A 330 -3.17 -9.10 12.27
N MET A 331 -2.43 -9.66 11.33
CA MET A 331 -1.57 -10.82 11.57
C MET A 331 -0.13 -10.35 11.40
N LEU A 332 0.49 -9.94 12.50
CA LEU A 332 1.83 -9.37 12.45
C LEU A 332 2.93 -10.41 12.55
N THR A 333 2.65 -11.56 13.15
CA THR A 333 3.60 -12.67 13.19
C THR A 333 2.94 -13.92 12.63
N GLU A 334 3.78 -14.89 12.28
CA GLU A 334 3.29 -16.18 11.80
C GLU A 334 2.66 -16.95 12.96
N PRO A 335 1.41 -17.39 12.84
CA PRO A 335 0.78 -18.11 13.94
C PRO A 335 1.41 -19.48 14.17
N GLY A 336 1.35 -19.93 15.42
CA GLY A 336 1.87 -21.23 15.77
C GLY A 336 0.83 -22.15 16.36
N ASP A 337 -0.44 -21.92 16.02
CA ASP A 337 -1.55 -22.71 16.54
C ASP A 337 -2.02 -23.78 15.56
N GLY A 338 -1.29 -24.01 14.48
CA GLY A 338 -1.67 -24.99 13.49
C GLY A 338 -2.37 -24.46 12.27
N ARG A 339 -2.44 -23.14 12.10
CA ARG A 339 -3.07 -22.53 10.94
C ARG A 339 -2.05 -22.34 9.82
N LYS A 340 -2.49 -22.56 8.58
CA LYS A 340 -1.67 -22.34 7.40
C LYS A 340 -1.99 -20.97 6.82
N VAL A 341 -0.96 -20.20 6.51
CA VAL A 341 -1.11 -18.84 6.02
C VAL A 341 -0.24 -18.65 4.79
N VAL A 342 -0.38 -17.48 4.17
CA VAL A 342 0.53 -17.01 3.13
C VAL A 342 1.37 -15.90 3.73
N CYS A 343 2.69 -16.00 3.57
CA CYS A 343 3.62 -15.05 4.19
C CYS A 343 4.07 -13.94 3.24
N HIS A 344 3.31 -13.67 2.20
CA HIS A 344 3.59 -12.50 1.38
C HIS A 344 3.06 -11.25 2.08
N PRO A 345 3.88 -10.23 2.29
CA PRO A 345 3.42 -9.03 3.02
C PRO A 345 2.39 -8.26 2.20
N THR A 346 1.22 -8.04 2.78
CA THR A 346 0.15 -7.34 2.10
C THR A 346 -0.55 -6.38 3.05
N ALA A 347 -1.10 -5.32 2.49
CA ALA A 347 -1.91 -4.35 3.21
C ALA A 347 -3.34 -4.40 2.66
N TRP A 348 -4.31 -4.57 3.54
CA TRP A 348 -5.69 -4.82 3.17
C TRP A 348 -6.57 -3.66 3.62
N ASP A 349 -7.37 -3.15 2.69
CA ASP A 349 -8.41 -2.15 2.95
C ASP A 349 -9.75 -2.86 2.72
N LEU A 350 -10.30 -3.46 3.77
CA LEU A 350 -11.51 -4.24 3.60
C LEU A 350 -12.73 -3.35 3.37
N GLY A 351 -12.74 -2.18 3.97
CA GLY A 351 -13.86 -1.27 3.85
C GLY A 351 -14.51 -0.99 5.19
N LYS A 352 -15.34 0.05 5.24
CA LYS A 352 -16.12 0.42 6.42
C LYS A 352 -15.23 0.72 7.63
N GLY A 353 -13.99 1.16 7.37
CA GLY A 353 -13.05 1.46 8.43
C GLY A 353 -12.17 0.33 8.87
N ASP A 354 -12.10 -0.76 8.10
CA ASP A 354 -11.34 -1.95 8.47
C ASP A 354 -10.05 -2.00 7.65
N PHE A 355 -8.93 -1.77 8.32
CA PHE A 355 -7.61 -1.80 7.70
C PHE A 355 -6.75 -2.82 8.41
N ARG A 356 -6.07 -3.68 7.65
CA ARG A 356 -5.27 -4.75 8.23
C ARG A 356 -3.96 -4.90 7.48
N ILE A 357 -3.01 -5.58 8.09
CA ILE A 357 -1.74 -5.93 7.46
C ILE A 357 -1.47 -7.40 7.73
N LYS A 358 -1.11 -8.14 6.69
CA LYS A 358 -0.73 -9.55 6.81
C LYS A 358 0.76 -9.66 6.52
N MET A 359 1.52 -10.15 7.51
CA MET A 359 2.98 -10.19 7.39
C MET A 359 3.54 -11.20 8.39
N CYS A 360 4.52 -11.98 7.95
CA CYS A 360 5.23 -12.92 8.82
C CYS A 360 6.55 -12.28 9.22
N THR A 361 6.48 -11.45 10.26
CA THR A 361 7.59 -10.56 10.60
C THR A 361 8.67 -11.29 11.38
N LYS A 362 9.91 -11.14 10.92
CA LYS A 362 11.09 -11.56 11.66
C LYS A 362 11.80 -10.32 12.21
N VAL A 363 12.69 -10.54 13.17
CA VAL A 363 13.42 -9.42 13.76
C VAL A 363 14.67 -9.17 12.91
N THR A 364 14.50 -8.41 11.83
CA THR A 364 15.58 -8.08 10.91
C THR A 364 15.37 -6.67 10.39
N MET A 365 16.44 -6.11 9.82
CA MET A 365 16.36 -4.77 9.22
C MET A 365 15.42 -4.77 8.02
N ASP A 366 15.43 -5.84 7.23
CA ASP A 366 14.57 -5.93 6.06
C ASP A 366 13.09 -5.90 6.46
N ASP A 367 12.73 -6.61 7.53
CA ASP A 367 11.35 -6.57 8.00
C ASP A 367 10.98 -5.20 8.56
N PHE A 368 11.95 -4.50 9.15
CA PHE A 368 11.74 -3.12 9.60
C PHE A 368 11.37 -2.22 8.42
N LEU A 369 12.15 -2.29 7.34
CA LEU A 369 11.85 -1.49 6.16
C LEU A 369 10.52 -1.89 5.53
N THR A 370 10.23 -3.18 5.48
CA THR A 370 8.98 -3.66 4.91
C THR A 370 7.78 -3.17 5.72
N ALA A 371 7.92 -3.14 7.05
CA ALA A 371 6.85 -2.61 7.89
C ALA A 371 6.57 -1.15 7.57
N HIS A 372 7.64 -0.35 7.42
CA HIS A 372 7.43 1.04 7.02
C HIS A 372 6.70 1.15 5.67
N HIS A 373 7.12 0.32 4.70
CA HIS A 373 6.52 0.35 3.36
C HIS A 373 5.03 -0.01 3.39
N GLU A 374 4.67 -1.07 4.12
CA GLU A 374 3.28 -1.51 4.16
C GLU A 374 2.41 -0.54 4.96
N MET A 375 2.94 0.06 6.01
CA MET A 375 2.16 1.06 6.71
C MET A 375 1.96 2.31 5.83
N GLY A 376 2.91 2.61 4.94
CA GLY A 376 2.65 3.65 3.96
C GLY A 376 1.50 3.32 3.03
N HIS A 377 1.42 2.06 2.59
CA HIS A 377 0.25 1.62 1.84
C HIS A 377 -1.04 1.86 2.63
N ILE A 378 -1.03 1.51 3.92
CA ILE A 378 -2.23 1.69 4.76
C ILE A 378 -2.59 3.17 4.86
N GLN A 379 -1.59 4.04 5.01
CA GLN A 379 -1.87 5.48 5.11
C GLN A 379 -2.51 6.01 3.84
N TYR A 380 -2.01 5.56 2.68
CA TYR A 380 -2.65 5.95 1.42
C TYR A 380 -4.10 5.46 1.37
N ASP A 381 -4.36 4.22 1.81
CA ASP A 381 -5.73 3.72 1.82
C ASP A 381 -6.63 4.54 2.73
N MET A 382 -6.10 4.97 3.89
CA MET A 382 -6.91 5.74 4.83
C MET A 382 -7.17 7.17 4.34
N ALA A 383 -6.26 7.74 3.55
CA ALA A 383 -6.42 9.13 3.16
C ALA A 383 -7.64 9.36 2.26
N TYR A 384 -7.91 8.44 1.32
CA TYR A 384 -8.98 8.63 0.35
C TYR A 384 -10.25 7.84 0.69
N ALA A 385 -10.50 7.57 1.96
CA ALA A 385 -11.63 6.73 2.36
C ALA A 385 -12.98 7.38 2.08
N ALA A 386 -13.04 8.71 1.98
CA ALA A 386 -14.31 9.39 1.74
C ALA A 386 -14.73 9.39 0.28
N GLN A 387 -13.86 9.01 -0.64
CA GLN A 387 -14.20 9.02 -2.06
C GLN A 387 -15.25 7.95 -2.37
N PRO A 388 -16.01 8.12 -3.44
CA PRO A 388 -16.90 7.05 -3.88
C PRO A 388 -16.12 5.81 -4.29
N TYR A 389 -16.83 4.68 -4.33
CA TYR A 389 -16.17 3.37 -4.40
C TYR A 389 -15.31 3.24 -5.65
N LEU A 390 -15.81 3.67 -6.79
CA LEU A 390 -15.09 3.51 -8.04
C LEU A 390 -13.88 4.44 -8.15
N LEU A 391 -13.70 5.39 -7.24
CA LEU A 391 -12.59 6.32 -7.28
C LEU A 391 -11.61 6.12 -6.13
N ARG A 392 -11.70 4.99 -5.40
CA ARG A 392 -10.83 4.74 -4.25
C ARG A 392 -9.60 3.93 -4.67
N ASN A 393 -8.60 4.66 -5.16
CA ASN A 393 -7.34 4.07 -5.60
C ASN A 393 -6.36 5.20 -5.82
N GLY A 394 -5.15 4.85 -6.24
CA GLY A 394 -4.17 5.86 -6.58
C GLY A 394 -4.53 6.60 -7.85
N ALA A 395 -3.84 7.73 -8.05
CA ALA A 395 -4.15 8.57 -9.21
C ALA A 395 -3.96 7.82 -10.52
N ASN A 396 -2.88 7.06 -10.64
CA ASN A 396 -2.79 6.02 -11.67
C ASN A 396 -2.12 4.81 -11.02
N GLU A 397 -1.78 3.82 -11.85
CA GLU A 397 -1.32 2.52 -11.35
C GLU A 397 0.08 2.58 -10.74
N GLY A 398 0.80 3.70 -10.87
CA GLY A 398 2.13 3.79 -10.30
C GLY A 398 2.26 4.53 -8.98
N PHE A 399 1.19 5.20 -8.53
CA PHE A 399 1.29 6.09 -7.37
C PHE A 399 1.45 5.32 -6.07
N HIS A 400 0.69 4.24 -5.89
CA HIS A 400 0.66 3.53 -4.62
C HIS A 400 2.03 3.00 -4.24
N GLU A 401 2.71 2.37 -5.19
CA GLU A 401 4.02 1.77 -4.90
C GLU A 401 5.09 2.82 -4.69
N ALA A 402 5.03 3.95 -5.41
CA ALA A 402 5.98 5.03 -5.18
C ALA A 402 5.82 5.61 -3.78
N VAL A 403 4.57 5.79 -3.34
CA VAL A 403 4.31 6.22 -1.97
C VAL A 403 4.87 5.22 -0.98
N GLY A 404 4.69 3.93 -1.24
CA GLY A 404 5.28 2.92 -0.38
C GLY A 404 6.80 2.95 -0.34
N GLU A 405 7.44 3.27 -1.46
CA GLU A 405 8.89 3.25 -1.56
C GLU A 405 9.56 4.43 -0.85
N ILE A 406 8.94 5.61 -0.86
CA ILE A 406 9.63 6.75 -0.23
C ILE A 406 9.80 6.55 1.27
N MET A 407 8.83 5.89 1.92
CA MET A 407 8.96 5.63 3.36
C MET A 407 10.15 4.74 3.66
N SER A 408 10.34 3.68 2.88
CA SER A 408 11.52 2.83 3.03
C SER A 408 12.81 3.59 2.72
N LEU A 409 12.75 4.54 1.79
CA LEU A 409 13.92 5.39 1.56
C LEU A 409 14.29 6.16 2.82
N SER A 410 13.31 6.75 3.48
CA SER A 410 13.60 7.53 4.69
C SER A 410 14.06 6.63 5.84
N ALA A 411 13.48 5.44 5.97
CA ALA A 411 13.72 4.61 7.16
C ALA A 411 15.13 4.04 7.22
N ALA A 412 15.83 3.95 6.09
CA ALA A 412 17.13 3.27 6.08
C ALA A 412 18.31 4.19 6.37
N THR A 413 18.11 5.51 6.40
CA THR A 413 19.23 6.43 6.55
C THR A 413 19.85 6.30 7.95
N PRO A 414 21.16 6.56 8.07
CA PRO A 414 21.79 6.53 9.39
C PRO A 414 21.22 7.53 10.38
N HIS A 415 20.69 8.65 9.90
CA HIS A 415 20.10 9.64 10.80
C HIS A 415 18.89 9.07 11.55
N TYR A 416 17.99 8.42 10.80
CA TYR A 416 16.81 7.83 11.41
C TYR A 416 17.17 6.68 12.36
N LEU A 417 18.19 5.89 12.00
CA LEU A 417 18.60 4.78 12.85
C LEU A 417 19.30 5.27 14.12
N LYS A 418 20.10 6.33 14.01
CA LYS A 418 20.74 6.91 15.19
C LYS A 418 19.71 7.54 16.12
N ALA A 419 18.64 8.12 15.57
CA ALA A 419 17.60 8.67 16.44
C ALA A 419 16.87 7.58 17.22
N LEU A 420 16.72 6.39 16.64
CA LEU A 420 16.05 5.28 17.29
C LEU A 420 16.96 4.50 18.24
N GLY A 421 18.23 4.87 18.33
CA GLY A 421 19.15 4.14 19.19
C GLY A 421 19.66 2.84 18.62
N LEU A 422 19.40 2.57 17.34
CA LEU A 422 19.92 1.36 16.70
C LEU A 422 21.36 1.52 16.24
N LEU A 423 21.88 2.74 16.20
CA LEU A 423 23.29 3.01 15.95
C LEU A 423 23.85 3.82 17.11
N ALA A 424 25.17 3.71 17.30
CA ALA A 424 25.82 4.45 18.37
C ALA A 424 25.78 5.95 18.08
N PRO A 425 25.71 6.78 19.13
CA PRO A 425 25.71 8.24 18.91
C PRO A 425 26.95 8.75 18.20
N ASP A 426 28.11 8.12 18.42
CA ASP A 426 29.36 8.51 17.78
C ASP A 426 29.62 7.73 16.49
N PHE A 427 28.57 7.29 15.81
CA PHE A 427 28.71 6.53 14.58
C PHE A 427 29.32 7.41 13.49
N HIS A 428 30.33 6.88 12.80
CA HIS A 428 31.04 7.60 11.75
C HIS A 428 30.54 7.15 10.38
N GLU A 429 30.30 8.11 9.50
CA GLU A 429 29.80 7.85 8.15
C GLU A 429 30.94 8.14 7.17
N ASP A 430 31.60 7.08 6.70
CA ASP A 430 32.64 7.23 5.69
C ASP A 430 32.03 7.10 4.29
N ASN A 431 32.68 7.72 3.33
CA ASN A 431 32.14 7.78 1.97
C ASN A 431 32.27 6.46 1.22
N GLU A 432 33.15 5.56 1.65
CA GLU A 432 33.22 4.25 1.03
C GLU A 432 31.97 3.42 1.33
N THR A 433 31.49 3.47 2.57
CA THR A 433 30.22 2.85 2.91
C THR A 433 29.06 3.45 2.10
N GLU A 434 29.09 4.76 1.88
CA GLU A 434 28.06 5.42 1.09
C GLU A 434 28.10 4.97 -0.38
N ILE A 435 29.30 4.83 -0.95
CA ILE A 435 29.40 4.38 -2.33
C ILE A 435 28.94 2.94 -2.45
N ASN A 436 29.27 2.10 -1.46
CA ASN A 436 28.74 0.74 -1.44
C ASN A 436 27.21 0.73 -1.44
N PHE A 437 26.61 1.56 -0.58
CA PHE A 437 25.16 1.64 -0.51
C PHE A 437 24.55 2.11 -1.82
N LEU A 438 25.15 3.13 -2.44
CA LEU A 438 24.63 3.66 -3.69
C LEU A 438 24.74 2.65 -4.82
N LEU A 439 25.86 1.92 -4.88
CA LEU A 439 26.01 0.87 -5.89
C LEU A 439 24.96 -0.22 -5.70
N LYS A 440 24.71 -0.63 -4.46
CA LYS A 440 23.69 -1.65 -4.22
C LYS A 440 22.31 -1.15 -4.60
N GLN A 441 22.00 0.12 -4.32
CA GLN A 441 20.74 0.70 -4.76
C GLN A 441 20.63 0.71 -6.28
N ALA A 442 21.72 1.06 -6.95
CA ALA A 442 21.71 1.16 -8.41
C ALA A 442 21.49 -0.21 -9.05
N LEU A 443 22.11 -1.26 -8.52
CA LEU A 443 21.91 -2.60 -9.07
C LEU A 443 20.44 -2.99 -9.12
N THR A 444 19.65 -2.51 -8.17
CA THR A 444 18.22 -2.82 -8.13
C THR A 444 17.39 -1.84 -8.94
N ILE A 445 17.74 -0.56 -8.92
CA ILE A 445 16.86 0.47 -9.46
C ILE A 445 17.23 0.86 -10.88
N VAL A 446 18.51 1.17 -11.13
CA VAL A 446 18.93 1.60 -12.46
C VAL A 446 18.95 0.43 -13.43
N GLY A 447 19.36 -0.75 -12.95
CA GLY A 447 19.54 -1.90 -13.82
C GLY A 447 18.26 -2.50 -14.36
N THR A 448 17.13 -2.26 -13.70
CA THR A 448 15.87 -2.84 -14.14
C THR A 448 15.10 -1.95 -15.12
N LEU A 449 15.48 -0.67 -15.26
CA LEU A 449 14.75 0.22 -16.15
C LEU A 449 14.87 -0.17 -17.63
N PRO A 450 16.07 -0.43 -18.18
CA PRO A 450 16.13 -0.85 -19.59
C PRO A 450 15.37 -2.15 -19.85
N PHE A 451 15.41 -3.08 -18.91
CA PHE A 451 14.68 -4.34 -19.05
C PHE A 451 13.19 -4.10 -19.18
N THR A 452 12.61 -3.32 -18.26
CA THR A 452 11.19 -3.01 -18.27
C THR A 452 10.80 -2.29 -19.55
N TYR A 453 11.59 -1.28 -19.93
CA TYR A 453 11.30 -0.51 -21.13
C TYR A 453 11.30 -1.39 -22.38
N MET A 454 12.33 -2.23 -22.51
CA MET A 454 12.43 -3.09 -23.69
C MET A 454 11.29 -4.09 -23.76
N LEU A 455 10.94 -4.71 -22.63
CA LEU A 455 9.86 -5.69 -22.63
C LEU A 455 8.54 -5.05 -23.05
N GLU A 456 8.21 -3.90 -22.46
CA GLU A 456 6.94 -3.28 -22.79
C GLU A 456 6.92 -2.75 -24.23
N LYS A 457 8.05 -2.26 -24.73
CA LYS A 457 8.11 -1.82 -26.12
C LYS A 457 7.88 -2.99 -27.08
N TRP A 458 8.49 -4.14 -26.80
CA TRP A 458 8.27 -5.31 -27.63
C TRP A 458 6.80 -5.76 -27.61
N ARG A 459 6.17 -5.76 -26.44
CA ARG A 459 4.77 -6.16 -26.38
C ARG A 459 3.87 -5.18 -27.11
N TRP A 460 4.16 -3.87 -27.01
CA TRP A 460 3.38 -2.88 -27.74
C TRP A 460 3.51 -3.08 -29.25
N MET A 461 4.73 -3.39 -29.72
CA MET A 461 4.90 -3.60 -31.15
C MET A 461 4.27 -4.91 -31.61
N VAL A 462 4.23 -5.93 -30.76
CA VAL A 462 3.55 -7.17 -31.15
C VAL A 462 2.04 -6.97 -31.22
N PHE A 463 1.45 -6.30 -30.22
CA PHE A 463 0.01 -6.05 -30.27
C PHE A 463 -0.35 -5.15 -31.45
N LYS A 464 0.51 -4.15 -31.73
CA LYS A 464 0.22 -3.23 -32.81
C LYS A 464 0.29 -3.89 -34.19
N GLY A 465 1.10 -4.92 -34.33
CA GLY A 465 1.31 -5.57 -35.62
C GLY A 465 2.54 -5.11 -36.37
N GLU A 466 3.37 -4.26 -35.77
CA GLU A 466 4.62 -3.85 -36.41
C GLU A 466 5.64 -4.98 -36.46
N ILE A 467 5.45 -6.02 -35.65
CA ILE A 467 6.28 -7.22 -35.70
C ILE A 467 5.42 -8.39 -36.15
N PRO A 468 5.57 -8.88 -37.37
CA PRO A 468 4.89 -10.13 -37.75
C PRO A 468 5.44 -11.31 -36.96
N LYS A 469 4.59 -12.33 -36.78
CA LYS A 469 4.95 -13.46 -35.92
C LYS A 469 6.16 -14.22 -36.45
N GLN A 470 6.48 -14.08 -37.73
CA GLN A 470 7.67 -14.71 -38.30
C GLN A 470 8.96 -14.10 -37.77
N GLN A 471 8.90 -12.96 -37.09
CA GLN A 471 10.10 -12.29 -36.60
C GLN A 471 10.07 -12.02 -35.11
N TRP A 472 9.12 -12.61 -34.37
CA TRP A 472 8.97 -12.32 -32.94
C TRP A 472 10.29 -12.49 -32.19
N MET A 473 10.94 -13.64 -32.35
CA MET A 473 12.19 -13.87 -31.65
C MET A 473 13.31 -13.02 -32.25
N GLU A 474 13.29 -12.81 -33.56
CA GLU A 474 14.34 -12.05 -34.21
C GLU A 474 14.40 -10.64 -33.66
N LYS A 475 13.25 -9.99 -33.50
CA LYS A 475 13.21 -8.66 -32.93
C LYS A 475 13.42 -8.68 -31.42
N TRP A 476 13.19 -9.82 -30.76
CA TRP A 476 13.38 -9.86 -29.31
C TRP A 476 14.85 -9.72 -28.94
N TRP A 477 15.72 -10.42 -29.65
CA TRP A 477 17.14 -10.40 -29.30
C TRP A 477 17.90 -9.26 -29.98
N GLU A 478 17.38 -8.73 -31.08
CA GLU A 478 17.94 -7.51 -31.65
C GLU A 478 17.74 -6.32 -30.72
N MET A 479 16.57 -6.23 -30.08
CA MET A 479 16.33 -5.17 -29.12
C MET A 479 17.13 -5.38 -27.85
N LYS A 480 17.18 -6.62 -27.35
CA LYS A 480 17.98 -6.95 -26.17
C LYS A 480 19.40 -6.44 -26.30
N ARG A 481 20.01 -6.66 -27.47
CA ARG A 481 21.40 -6.25 -27.65
C ARG A 481 21.53 -4.74 -27.70
N GLU A 482 20.54 -4.04 -28.22
CA GLU A 482 20.71 -2.62 -28.53
C GLU A 482 20.19 -1.69 -27.43
N ILE A 483 19.19 -2.12 -26.67
CA ILE A 483 18.64 -1.32 -25.59
C ILE A 483 19.22 -1.73 -24.24
N VAL A 484 19.44 -3.03 -24.04
CA VAL A 484 19.85 -3.53 -22.73
C VAL A 484 21.34 -3.89 -22.69
N GLY A 485 21.98 -4.10 -23.83
CA GLY A 485 23.36 -4.57 -23.86
C GLY A 485 23.53 -5.98 -23.36
N VAL A 486 22.60 -6.86 -23.74
CA VAL A 486 22.59 -8.25 -23.31
C VAL A 486 22.48 -9.13 -24.55
N VAL A 487 23.30 -10.16 -24.62
CA VAL A 487 23.34 -11.05 -25.78
C VAL A 487 23.01 -12.47 -25.34
N GLU A 488 22.27 -13.19 -26.18
CA GLU A 488 21.88 -14.55 -25.85
C GLU A 488 23.07 -15.50 -26.03
N PRO A 489 23.23 -16.49 -25.15
CA PRO A 489 24.33 -17.45 -25.32
C PRO A 489 24.10 -18.46 -26.41
N LEU A 490 22.85 -18.76 -26.76
CA LEU A 490 22.51 -19.66 -27.86
C LEU A 490 21.45 -19.01 -28.74
N PRO A 491 21.56 -19.14 -30.06
CA PRO A 491 20.55 -18.54 -30.93
C PRO A 491 19.22 -19.29 -30.86
N HIS A 492 18.13 -18.55 -30.97
CA HIS A 492 16.79 -19.10 -30.86
C HIS A 492 15.98 -18.75 -32.09
N ASP A 493 15.34 -19.74 -32.68
CA ASP A 493 14.48 -19.54 -33.84
C ASP A 493 13.05 -19.24 -33.38
N GLU A 494 12.10 -19.31 -34.30
CA GLU A 494 10.72 -18.93 -34.00
C GLU A 494 9.93 -20.05 -33.33
N THR A 495 10.56 -21.18 -32.98
CA THR A 495 9.89 -22.15 -32.13
C THR A 495 9.94 -21.78 -30.66
N TYR A 496 10.82 -20.88 -30.27
CA TYR A 496 10.90 -20.39 -28.89
C TYR A 496 9.91 -19.24 -28.69
N CYS A 497 9.55 -19.01 -27.42
CA CYS A 497 8.86 -17.79 -27.00
C CYS A 497 9.51 -17.34 -25.68
N ASP A 498 10.60 -16.60 -25.80
CA ASP A 498 11.35 -16.19 -24.60
C ASP A 498 10.59 -15.22 -23.72
N PRO A 499 9.96 -14.15 -24.24
CA PRO A 499 9.22 -13.25 -23.34
C PRO A 499 8.15 -13.94 -22.52
N ALA A 500 7.50 -14.97 -23.06
CA ALA A 500 6.46 -15.68 -22.33
C ALA A 500 7.01 -16.51 -21.18
N CYS A 501 8.33 -16.69 -21.07
CA CYS A 501 8.92 -17.41 -19.96
C CYS A 501 9.02 -16.55 -18.70
N LEU A 502 8.46 -15.34 -18.72
CA LEU A 502 8.42 -14.44 -17.59
C LEU A 502 6.99 -14.36 -17.05
N PHE A 503 6.88 -14.23 -15.74
CA PHE A 503 5.59 -14.38 -15.05
C PHE A 503 4.54 -13.38 -15.52
N HIS A 504 4.92 -12.11 -15.63
CA HIS A 504 3.94 -11.07 -15.98
C HIS A 504 3.43 -11.22 -17.40
N VAL A 505 4.27 -11.71 -18.32
CA VAL A 505 3.85 -11.93 -19.68
C VAL A 505 2.90 -13.13 -19.77
N ALA A 506 3.19 -14.21 -19.05
CA ALA A 506 2.36 -15.40 -19.09
C ALA A 506 1.04 -15.23 -18.36
N GLU A 507 0.97 -14.32 -17.39
CA GLU A 507 -0.22 -14.09 -16.60
C GLU A 507 -1.02 -12.87 -17.04
N ASP A 508 -0.66 -12.26 -18.18
CA ASP A 508 -1.42 -11.16 -18.77
C ASP A 508 -1.48 -9.95 -17.83
N TYR A 509 -0.30 -9.45 -17.48
CA TYR A 509 -0.16 -8.24 -16.66
C TYR A 509 0.65 -7.21 -17.41
N SER A 510 0.18 -5.96 -17.37
CA SER A 510 0.96 -4.86 -17.95
C SER A 510 2.18 -4.57 -17.08
N PHE A 511 3.26 -4.15 -17.74
CA PHE A 511 4.56 -4.06 -17.11
C PHE A 511 5.09 -2.64 -16.95
N ILE A 512 4.50 -1.66 -17.64
CA ILE A 512 5.02 -0.31 -17.61
C ILE A 512 4.84 0.36 -16.24
N ARG A 513 3.96 -0.19 -15.39
CA ARG A 513 3.80 0.33 -14.03
C ARG A 513 5.12 0.30 -13.26
N TYR A 514 6.00 -0.66 -13.54
CA TYR A 514 7.27 -0.73 -12.84
C TYR A 514 8.24 0.33 -13.31
N TYR A 515 8.02 0.90 -14.50
CA TYR A 515 8.86 1.99 -14.98
C TYR A 515 8.44 3.32 -14.37
N THR A 516 7.19 3.71 -14.60
CA THR A 516 6.72 5.03 -14.18
C THR A 516 6.82 5.18 -12.66
N ARG A 517 6.51 4.11 -11.92
CA ARG A 517 6.65 4.13 -10.47
C ARG A 517 8.02 4.62 -10.06
N THR A 518 9.07 4.06 -10.68
CA THR A 518 10.42 4.51 -10.37
C THR A 518 10.55 6.01 -10.59
N ILE A 519 10.10 6.48 -11.76
CA ILE A 519 10.18 7.90 -12.06
C ILE A 519 9.40 8.71 -11.03
N TYR A 520 8.24 8.21 -10.61
CA TYR A 520 7.45 8.93 -9.61
C TYR A 520 8.18 8.97 -8.28
N GLN A 521 8.82 7.85 -7.90
CA GLN A 521 9.40 7.72 -6.58
C GLN A 521 10.37 8.87 -6.28
N PHE A 522 11.42 8.98 -7.09
CA PHE A 522 12.41 10.02 -6.87
C PHE A 522 11.87 11.42 -7.14
N GLN A 523 10.75 11.54 -7.84
CA GLN A 523 10.10 12.85 -7.94
C GLN A 523 9.44 13.23 -6.62
N PHE A 524 8.77 12.27 -5.97
CA PHE A 524 8.14 12.56 -4.70
C PHE A 524 9.19 12.87 -3.64
N HIS A 525 10.18 11.98 -3.51
CA HIS A 525 11.19 12.11 -2.47
C HIS A 525 11.86 13.48 -2.51
N GLU A 526 12.37 13.86 -3.68
CA GLU A 526 13.06 15.14 -3.82
C GLU A 526 12.14 16.31 -3.50
N ALA A 527 10.85 16.18 -3.79
CA ALA A 527 9.93 17.27 -3.48
C ALA A 527 9.73 17.40 -1.98
N LEU A 528 9.70 16.28 -1.25
CA LEU A 528 9.44 16.36 0.18
C LEU A 528 10.69 16.80 0.94
N CYS A 529 11.87 16.35 0.50
CA CYS A 529 13.12 16.73 1.14
C CYS A 529 13.36 18.23 1.05
N LYS A 530 12.95 18.86 -0.04
CA LYS A 530 13.00 20.32 -0.13
C LYS A 530 11.97 20.97 0.79
N THR A 531 10.80 20.36 0.96
CA THR A 531 9.83 20.86 1.93
C THR A 531 10.35 20.68 3.34
N ALA A 532 11.15 19.64 3.58
CA ALA A 532 11.76 19.38 4.87
C ALA A 532 13.03 20.20 5.09
N LYS A 533 13.44 21.00 4.11
CA LYS A 533 14.64 21.85 4.21
C LYS A 533 15.89 21.02 4.47
N HIS A 534 16.00 19.89 3.79
CA HIS A 534 17.19 19.05 3.90
C HIS A 534 18.40 19.74 3.27
N GLU A 535 19.54 19.64 3.93
CA GLU A 535 20.79 20.21 3.44
C GLU A 535 21.79 19.09 3.21
N GLY A 536 22.31 19.00 1.99
CA GLY A 536 23.26 17.97 1.65
C GLY A 536 22.81 17.12 0.48
N ALA A 537 23.36 15.91 0.39
CA ALA A 537 23.01 15.01 -0.71
C ALA A 537 21.61 14.43 -0.51
N LEU A 538 20.94 14.16 -1.63
CA LEU A 538 19.55 13.70 -1.59
C LEU A 538 19.43 12.32 -0.97
N PHE A 539 20.43 11.46 -1.13
CA PHE A 539 20.33 10.09 -0.61
C PHE A 539 20.51 10.02 0.90
N LYS A 540 20.86 11.13 1.56
CA LYS A 540 20.94 11.20 3.01
C LYS A 540 19.71 11.82 3.65
N CYS A 541 18.66 12.09 2.88
CA CYS A 541 17.50 12.81 3.36
C CYS A 541 16.60 11.92 4.21
N ASP A 542 16.18 12.46 5.36
CA ASP A 542 15.17 11.83 6.22
C ASP A 542 14.15 12.89 6.56
N ILE A 543 12.87 12.60 6.33
CA ILE A 543 11.82 13.62 6.45
C ILE A 543 11.11 13.51 7.79
N SER A 544 11.69 12.78 8.73
CA SER A 544 11.08 12.66 10.05
C SER A 544 11.00 14.02 10.73
N ASN A 545 9.94 14.20 11.53
CA ASN A 545 9.72 15.41 12.31
C ASN A 545 9.47 16.64 11.44
N SER A 546 8.94 16.45 10.23
CA SER A 546 8.61 17.55 9.33
C SER A 546 7.13 17.47 9.01
N THR A 547 6.33 18.31 9.68
CA THR A 547 4.89 18.30 9.46
C THR A 547 4.49 18.95 8.14
N GLU A 548 5.30 19.88 7.64
CA GLU A 548 5.01 20.50 6.36
C GLU A 548 5.07 19.48 5.23
N ALA A 549 6.07 18.59 5.26
CA ALA A 549 6.16 17.55 4.25
C ALA A 549 4.98 16.59 4.34
N GLY A 550 4.55 16.27 5.57
CA GLY A 550 3.38 15.42 5.74
C GLY A 550 2.11 16.05 5.19
N GLN A 551 1.93 17.34 5.42
CA GLN A 551 0.76 18.04 4.88
C GLN A 551 0.81 18.09 3.36
N ARG A 552 1.99 18.34 2.79
CA ARG A 552 2.13 18.34 1.34
C ARG A 552 1.80 16.99 0.75
N LEU A 553 2.25 15.90 1.40
CA LEU A 553 1.90 14.56 0.95
C LEU A 553 0.40 14.29 1.06
N LEU A 554 -0.22 14.71 2.17
CA LEU A 554 -1.65 14.48 2.37
C LEU A 554 -2.49 15.20 1.32
N GLN A 555 -2.04 16.37 0.87
CA GLN A 555 -2.77 17.08 -0.19
C GLN A 555 -3.01 16.18 -1.40
N MET A 556 -1.99 15.45 -1.82
CA MET A 556 -2.13 14.53 -2.94
C MET A 556 -2.85 13.24 -2.53
N LEU A 557 -2.56 12.73 -1.34
CA LEU A 557 -3.11 11.43 -0.94
C LEU A 557 -4.62 11.46 -0.82
N ARG A 558 -5.18 12.56 -0.30
CA ARG A 558 -6.64 12.64 -0.12
C ARG A 558 -7.41 12.61 -1.43
N LEU A 559 -6.75 12.88 -2.56
CA LEU A 559 -7.46 12.97 -3.83
C LEU A 559 -7.99 11.61 -4.29
N GLY A 560 -7.24 10.54 -4.05
CA GLY A 560 -7.63 9.26 -4.60
C GLY A 560 -7.53 9.28 -6.11
N LYS A 561 -8.61 8.87 -6.77
CA LYS A 561 -8.69 8.85 -8.22
C LYS A 561 -9.75 9.81 -8.76
N SER A 562 -10.15 10.80 -7.96
CA SER A 562 -11.20 11.73 -8.35
C SER A 562 -10.71 12.85 -9.24
N GLU A 563 -9.39 13.04 -9.36
CA GLU A 563 -8.78 14.05 -10.19
C GLU A 563 -7.85 13.37 -11.19
N PRO A 564 -7.56 14.03 -12.32
CA PRO A 564 -6.52 13.51 -13.20
C PRO A 564 -5.17 13.43 -12.50
N TRP A 565 -4.37 12.43 -12.88
CA TRP A 565 -3.12 12.18 -12.18
C TRP A 565 -2.13 13.32 -12.37
N THR A 566 -2.24 14.06 -13.49
CA THR A 566 -1.36 15.21 -13.69
C THR A 566 -1.60 16.29 -12.64
N LEU A 567 -2.86 16.50 -12.26
CA LEU A 567 -3.18 17.47 -11.21
C LEU A 567 -2.61 17.04 -9.87
N ALA A 568 -2.72 15.76 -9.52
CA ALA A 568 -2.15 15.26 -8.27
C ALA A 568 -0.64 15.38 -8.26
N LEU A 569 0.00 15.05 -9.38
CA LEU A 569 1.45 15.20 -9.50
C LEU A 569 1.85 16.66 -9.32
N GLU A 570 1.12 17.58 -9.93
CA GLU A 570 1.42 18.99 -9.74
C GLU A 570 1.15 19.44 -8.30
N ASN A 571 0.18 18.82 -7.63
CA ASN A 571 -0.06 19.12 -6.23
C ASN A 571 1.15 18.76 -5.37
N ILE A 572 1.76 17.60 -5.62
CA ILE A 572 2.84 17.17 -4.75
C ILE A 572 4.19 17.77 -5.17
N VAL A 573 4.52 17.84 -6.46
CA VAL A 573 5.85 18.25 -6.88
C VAL A 573 5.88 19.59 -7.61
N GLY A 574 4.74 20.14 -8.00
CA GLY A 574 4.70 21.45 -8.62
C GLY A 574 4.71 21.47 -10.13
N ILE A 575 4.95 20.33 -10.79
CA ILE A 575 4.84 20.22 -12.23
C ILE A 575 3.95 19.03 -12.57
N LYS A 576 3.43 19.03 -13.79
CA LYS A 576 2.45 18.03 -14.21
C LYS A 576 3.04 16.96 -15.13
N THR A 577 4.36 16.87 -15.23
CA THR A 577 4.99 15.94 -16.16
C THR A 577 5.97 15.04 -15.42
N MET A 578 6.21 13.86 -15.99
CA MET A 578 7.24 12.97 -15.47
C MET A 578 8.62 13.51 -15.80
N ASP A 579 9.50 13.54 -14.82
CA ASP A 579 10.86 14.04 -14.98
C ASP A 579 11.82 13.06 -14.32
N VAL A 580 12.97 12.84 -14.96
CA VAL A 580 13.94 11.87 -14.49
C VAL A 580 15.17 12.51 -13.87
N LYS A 581 15.25 13.84 -13.86
CA LYS A 581 16.35 14.58 -13.24
C LYS A 581 16.47 14.35 -11.73
N PRO A 582 15.37 14.25 -10.96
CA PRO A 582 15.52 13.86 -9.55
C PRO A 582 16.20 12.51 -9.35
N LEU A 583 15.92 11.54 -10.23
CA LEU A 583 16.59 10.25 -10.13
C LEU A 583 18.09 10.37 -10.39
N LEU A 584 18.47 11.16 -11.40
CA LEU A 584 19.89 11.38 -11.66
C LEU A 584 20.55 12.19 -10.56
N ASN A 585 19.77 13.02 -9.87
CA ASN A 585 20.27 13.76 -8.73
C ASN A 585 20.49 12.85 -7.53
N TYR A 586 19.69 11.80 -7.39
CA TYR A 586 19.87 10.83 -6.32
C TYR A 586 21.18 10.05 -6.49
N PHE A 587 21.58 9.77 -7.72
CA PHE A 587 22.73 8.90 -8.00
C PHE A 587 23.97 9.65 -8.44
N GLU A 588 24.02 10.97 -8.26
CA GLU A 588 25.13 11.76 -8.78
C GLU A 588 26.49 11.40 -8.18
N PRO A 589 26.65 11.24 -6.85
CA PRO A 589 27.96 10.82 -6.33
C PRO A 589 28.44 9.49 -6.90
N LEU A 590 27.52 8.54 -7.06
CA LEU A 590 27.86 7.28 -7.71
C LEU A 590 28.24 7.48 -9.16
N PHE A 591 27.56 8.39 -9.85
CA PHE A 591 27.89 8.68 -11.25
C PHE A 591 29.30 9.22 -11.39
N THR A 592 29.69 10.14 -10.49
CA THR A 592 31.05 10.66 -10.48
C THR A 592 32.07 9.56 -10.21
N TRP A 593 31.80 8.73 -9.20
CA TRP A 593 32.72 7.64 -8.88
C TRP A 593 32.85 6.66 -10.04
N LEU A 594 31.74 6.34 -10.70
CA LEU A 594 31.76 5.41 -11.83
C LEU A 594 32.55 5.97 -12.99
N LYS A 595 32.34 7.23 -13.33
CA LYS A 595 33.10 7.82 -14.44
C LYS A 595 34.58 7.88 -14.12
N GLU A 596 34.95 8.00 -12.84
CA GLU A 596 36.36 7.90 -12.49
C GLU A 596 36.89 6.47 -12.55
N GLN A 597 36.06 5.47 -12.23
CA GLN A 597 36.52 4.09 -12.23
C GLN A 597 36.66 3.51 -13.63
N ASN A 598 35.82 3.96 -14.58
CA ASN A 598 35.81 3.44 -15.94
C ASN A 598 36.77 4.19 -16.86
N ARG A 599 37.73 4.93 -16.30
CA ARG A 599 38.60 5.76 -17.12
C ARG A 599 39.53 4.92 -18.00
N ASN A 600 39.85 3.71 -17.58
CA ASN A 600 40.66 2.79 -18.37
C ASN A 600 39.85 1.60 -18.90
N SER A 601 38.58 1.85 -19.24
CA SER A 601 37.70 0.81 -19.76
C SER A 601 36.90 1.38 -20.92
N PHE A 602 36.35 0.48 -21.73
CA PHE A 602 35.46 0.87 -22.81
C PHE A 602 34.04 1.04 -22.29
N VAL A 603 33.43 2.17 -22.59
CA VAL A 603 32.06 2.46 -22.19
C VAL A 603 31.18 2.35 -23.43
N GLY A 604 30.16 1.50 -23.37
CA GLY A 604 29.35 1.15 -24.51
C GLY A 604 29.52 -0.31 -24.90
N TRP A 605 28.75 -0.73 -25.89
CA TRP A 605 28.80 -2.10 -26.35
C TRP A 605 28.61 -2.14 -27.86
N SER A 606 29.09 -3.22 -28.46
CA SER A 606 28.83 -3.55 -29.85
C SER A 606 27.75 -4.62 -29.93
N THR A 607 27.01 -4.62 -31.03
CA THR A 607 25.92 -5.56 -31.24
C THR A 607 26.32 -6.71 -32.16
N GLU A 608 27.61 -6.86 -32.44
CA GLU A 608 28.08 -7.89 -33.36
C GLU A 608 28.69 -9.10 -32.67
N TRP A 609 29.37 -8.90 -31.54
CA TRP A 609 29.99 -10.01 -30.83
C TRP A 609 28.93 -10.93 -30.22
N THR A 610 29.25 -12.22 -30.18
CA THR A 610 28.38 -13.26 -29.67
C THR A 610 29.24 -14.26 -28.91
N PRO A 611 28.71 -14.87 -27.83
CA PRO A 611 29.41 -15.90 -27.05
C PRO A 611 29.90 -17.10 -27.87
N GLN B 33 -27.73 19.52 51.73
CA GLN B 33 -28.07 19.05 50.38
C GLN B 33 -27.01 18.11 49.83
N GLU B 34 -26.98 16.88 50.36
CA GLU B 34 -26.00 15.90 49.92
C GLU B 34 -26.25 15.51 48.47
N CYS B 35 -25.17 15.36 47.71
CA CYS B 35 -25.28 14.99 46.30
C CYS B 35 -25.42 13.48 46.15
N ASP B 36 -26.28 13.07 45.23
CA ASP B 36 -26.57 11.66 45.02
C ASP B 36 -25.88 11.18 43.74
N PHE B 37 -24.87 10.33 43.89
CA PHE B 37 -24.22 9.65 42.78
C PHE B 37 -24.73 8.23 42.61
N THR B 38 -25.85 7.89 43.27
CA THR B 38 -26.34 6.51 43.26
C THR B 38 -26.70 5.99 41.87
N PRO B 39 -27.42 6.73 41.01
CA PRO B 39 -27.77 6.16 39.69
C PRO B 39 -26.58 5.74 38.86
N MET B 40 -25.44 6.42 39.01
CA MET B 40 -24.24 6.01 38.28
C MET B 40 -23.72 4.66 38.76
N LEU B 41 -23.85 4.37 40.05
CA LEU B 41 -23.38 3.11 40.62
C LEU B 41 -24.34 1.96 40.44
N THR B 42 -25.50 2.19 39.83
CA THR B 42 -26.50 1.16 39.62
C THR B 42 -26.74 0.94 38.14
N GLY B 43 -26.88 -0.32 37.75
CA GLY B 43 -27.18 -0.67 36.38
C GLY B 43 -25.97 -1.06 35.57
N THR B 44 -26.13 -1.00 34.25
CA THR B 44 -25.06 -1.27 33.30
C THR B 44 -24.59 0.02 32.68
N PRO B 45 -23.31 0.34 32.73
CA PRO B 45 -22.79 1.53 32.03
C PRO B 45 -23.00 1.41 30.53
N PRO B 46 -23.34 2.51 29.87
CA PRO B 46 -23.67 2.46 28.44
C PRO B 46 -22.42 2.48 27.58
N PRO B 47 -22.55 2.23 26.28
CA PRO B 47 -21.42 2.46 25.37
C PRO B 47 -21.17 3.96 25.17
N ILE B 48 -19.99 4.25 24.61
CA ILE B 48 -19.48 5.61 24.58
C ILE B 48 -20.36 6.52 23.72
N TYR B 49 -20.80 6.04 22.56
CA TYR B 49 -21.65 6.88 21.72
C TYR B 49 -23.01 7.15 22.35
N ASN B 50 -23.38 6.40 23.38
CA ASN B 50 -24.63 6.62 24.09
C ASN B 50 -24.34 6.94 25.55
N PHE B 51 -23.37 7.83 25.78
CA PHE B 51 -22.87 8.08 27.13
C PHE B 51 -23.97 8.65 28.02
N LYS B 52 -23.82 8.44 29.32
CA LYS B 52 -24.78 8.93 30.29
C LYS B 52 -24.29 10.24 30.90
N ARG B 53 -25.21 11.17 31.09
CA ARG B 53 -24.88 12.51 31.57
C ARG B 53 -25.71 12.83 32.80
N LEU B 54 -25.03 13.19 33.89
CA LEU B 54 -25.67 13.59 35.14
C LEU B 54 -25.27 15.01 35.46
N VAL B 55 -26.26 15.87 35.69
CA VAL B 55 -26.05 17.27 36.05
C VAL B 55 -26.46 17.47 37.50
N PHE B 56 -25.59 18.12 38.28
CA PHE B 56 -25.83 18.39 39.69
C PHE B 56 -25.79 19.89 39.93
N THR B 57 -26.75 20.36 40.71
CA THR B 57 -26.83 21.76 41.13
C THR B 57 -27.42 21.80 42.53
N ASN B 58 -26.99 22.79 43.32
CA ASN B 58 -27.41 22.94 44.72
C ASN B 58 -27.09 21.67 45.51
N CYS B 59 -25.79 21.38 45.57
CA CYS B 59 -25.31 20.09 46.05
C CYS B 59 -24.14 20.28 47.00
N ASN B 60 -23.83 19.23 47.75
CA ASN B 60 -22.61 19.14 48.54
C ASN B 60 -21.90 17.86 48.16
N TYR B 61 -20.87 17.97 47.32
CA TYR B 61 -20.25 16.83 46.66
C TYR B 61 -19.11 16.30 47.51
N ASN B 62 -19.17 15.00 47.83
CA ASN B 62 -18.10 14.28 48.53
C ASN B 62 -17.30 13.52 47.48
N LEU B 63 -16.43 14.25 46.79
CA LEU B 63 -15.75 13.69 45.61
C LEU B 63 -14.83 12.54 46.00
N THR B 64 -14.15 12.65 47.16
CA THR B 64 -13.26 11.59 47.60
C THR B 64 -14.02 10.28 47.84
N LYS B 65 -15.20 10.38 48.45
CA LYS B 65 -16.02 9.19 48.66
C LYS B 65 -16.38 8.53 47.34
N LEU B 66 -16.72 9.34 46.33
CA LEU B 66 -17.05 8.79 45.02
C LEU B 66 -15.85 8.09 44.39
N LEU B 67 -14.69 8.75 44.39
CA LEU B 67 -13.52 8.19 43.70
C LEU B 67 -12.88 7.04 44.46
N SER B 68 -13.16 6.90 45.77
CA SER B 68 -12.57 5.82 46.55
C SER B 68 -13.18 4.45 46.24
N LEU B 69 -14.30 4.40 45.52
CA LEU B 69 -14.95 3.13 45.21
C LEU B 69 -14.35 2.44 44.00
N PHE B 70 -13.47 3.09 43.25
CA PHE B 70 -12.89 2.53 42.04
C PHE B 70 -11.38 2.55 42.12
N GLN B 71 -10.75 1.63 41.40
CA GLN B 71 -9.30 1.61 41.28
C GLN B 71 -8.89 2.53 40.13
N VAL B 72 -8.60 3.78 40.46
CA VAL B 72 -8.36 4.81 39.46
C VAL B 72 -7.02 4.56 38.78
N SER B 73 -7.01 4.59 37.44
CA SER B 73 -5.81 4.39 36.67
C SER B 73 -5.32 5.64 35.95
N GLU B 74 -6.20 6.60 35.67
CA GLU B 74 -5.76 7.81 35.00
C GLU B 74 -6.62 8.98 35.44
N PHE B 75 -5.98 10.14 35.64
CA PHE B 75 -6.66 11.34 36.12
C PHE B 75 -5.94 12.54 35.51
N SER B 76 -6.51 13.10 34.44
CA SER B 76 -5.90 14.23 33.74
C SER B 76 -6.86 15.39 33.73
N CYS B 77 -6.43 16.54 34.23
CA CYS B 77 -7.27 17.72 34.30
C CYS B 77 -6.77 18.81 33.36
N HIS B 78 -7.68 19.70 33.00
CA HIS B 78 -7.41 20.83 32.12
C HIS B 78 -8.09 22.05 32.72
N GLN B 79 -7.31 23.12 32.92
CA GLN B 79 -7.68 24.37 33.59
C GLN B 79 -7.91 24.19 35.08
N VAL B 80 -7.65 23.00 35.63
CA VAL B 80 -7.78 22.73 37.05
C VAL B 80 -6.72 21.72 37.48
N SER B 81 -6.76 21.33 38.74
CA SER B 81 -5.88 20.31 39.30
C SER B 81 -6.73 19.30 40.04
N PRO B 82 -6.24 18.06 40.18
CA PRO B 82 -7.02 17.05 40.92
C PRO B 82 -7.33 17.46 42.34
N SER B 83 -6.40 18.14 43.02
CA SER B 83 -6.71 18.66 44.35
C SER B 83 -7.65 19.86 44.28
N SER B 84 -7.49 20.70 43.26
CA SER B 84 -8.35 21.87 43.11
C SER B 84 -9.76 21.47 42.69
N LEU B 85 -9.91 20.33 42.02
CA LEU B 85 -11.24 19.87 41.63
C LEU B 85 -12.07 19.53 42.86
N ALA B 86 -11.46 18.92 43.88
CA ALA B 86 -12.14 18.54 45.11
C ALA B 86 -12.28 19.69 46.09
N THR B 87 -12.13 20.93 45.63
CA THR B 87 -12.32 22.11 46.47
C THR B 87 -12.94 23.22 45.63
N GLY B 88 -13.60 24.16 46.30
CA GLY B 88 -14.22 25.28 45.65
C GLY B 88 -15.66 25.01 45.26
N CYS B 89 -16.38 26.10 45.02
CA CYS B 89 -17.79 26.05 44.70
C CYS B 89 -18.01 26.30 43.21
N TYR B 90 -19.03 25.63 42.66
CA TYR B 90 -19.39 25.77 41.26
C TYR B 90 -20.90 25.91 41.14
N SER B 91 -21.33 26.53 40.05
CA SER B 91 -22.76 26.67 39.80
C SER B 91 -23.38 25.35 39.35
N SER B 92 -22.63 24.54 38.61
CA SER B 92 -23.13 23.27 38.11
C SER B 92 -21.97 22.30 37.94
N LEU B 93 -22.26 21.02 38.17
CA LEU B 93 -21.28 19.94 38.04
C LEU B 93 -21.85 18.87 37.13
N THR B 94 -21.18 18.63 36.00
CA THR B 94 -21.64 17.66 35.02
C THR B 94 -20.69 16.47 34.97
N VAL B 95 -21.24 15.27 34.95
CA VAL B 95 -20.46 14.04 34.83
C VAL B 95 -21.00 13.23 33.66
N ASP B 96 -20.14 12.98 32.68
CA ASP B 96 -20.46 12.11 31.56
C ASP B 96 -19.68 10.81 31.73
N TYR B 97 -20.39 9.70 31.84
CA TYR B 97 -19.73 8.43 32.09
C TYR B 97 -20.16 7.39 31.08
N PHE B 98 -19.25 6.45 30.83
CA PHE B 98 -19.51 5.34 29.92
C PHE B 98 -18.50 4.23 30.18
N ALA B 99 -18.74 3.08 29.56
CA ALA B 99 -17.82 1.95 29.62
C ALA B 99 -16.75 2.11 28.55
N TYR B 100 -15.49 1.94 28.95
CA TYR B 100 -14.37 2.23 28.07
C TYR B 100 -13.13 1.50 28.57
N SER B 101 -12.51 0.71 27.70
CA SER B 101 -11.30 0.01 28.07
C SER B 101 -10.13 0.98 28.22
N THR B 102 -9.34 0.81 29.27
CA THR B 102 -8.24 1.73 29.55
C THR B 102 -7.13 1.64 28.50
N ASP B 103 -6.98 0.49 27.84
CA ASP B 103 -5.98 0.31 26.80
C ASP B 103 -6.24 1.18 25.58
N MET B 104 -7.43 1.78 25.46
CA MET B 104 -7.73 2.72 24.39
C MET B 104 -7.57 4.17 24.84
N SER B 105 -6.94 4.39 25.99
CA SER B 105 -6.81 5.73 26.55
C SER B 105 -6.12 6.71 25.60
N SER B 106 -5.29 6.22 24.69
CA SER B 106 -4.61 7.11 23.76
C SER B 106 -5.59 7.81 22.81
N TYR B 107 -6.72 7.18 22.51
CA TYR B 107 -7.65 7.75 21.54
C TYR B 107 -8.59 8.78 22.15
N LEU B 108 -8.48 9.03 23.44
CA LEU B 108 -9.38 9.91 24.18
C LEU B 108 -8.61 11.10 24.76
N GLN B 109 -7.66 11.63 23.99
CA GLN B 109 -6.74 12.64 24.47
C GLN B 109 -6.97 13.97 23.78
N PRO B 110 -6.66 15.09 24.44
CA PRO B 110 -6.81 16.40 23.78
C PRO B 110 -5.88 16.51 22.58
N GLY B 111 -6.43 16.95 21.46
CA GLY B 111 -5.70 17.03 20.21
C GLY B 111 -5.67 15.74 19.42
N SER B 112 -6.05 14.62 20.02
CA SER B 112 -6.11 13.36 19.29
C SER B 112 -7.26 13.37 18.31
N ALA B 113 -7.07 12.67 17.19
CA ALA B 113 -8.09 12.48 16.18
C ALA B 113 -8.40 10.99 16.07
N GLY B 114 -9.20 10.63 15.07
CA GLY B 114 -9.62 9.27 14.88
C GLY B 114 -11.11 9.12 15.11
N GLU B 115 -11.55 7.85 15.02
CA GLU B 115 -12.99 7.57 15.02
C GLU B 115 -13.64 7.92 16.36
N ILE B 116 -12.93 7.71 17.48
CA ILE B 116 -13.53 7.93 18.79
C ILE B 116 -13.95 9.39 18.95
N VAL B 117 -13.05 10.33 18.64
CA VAL B 117 -13.36 11.74 18.77
C VAL B 117 -14.36 12.18 17.72
N GLN B 118 -14.27 11.61 16.51
CA GLN B 118 -15.09 12.09 15.40
C GLN B 118 -16.55 11.65 15.52
N PHE B 119 -16.79 10.40 15.93
CA PHE B 119 -18.12 9.82 15.85
C PHE B 119 -18.72 9.40 17.19
N ASN B 120 -17.97 9.43 18.29
CA ASN B 120 -18.46 8.92 19.56
C ASN B 120 -18.52 9.97 20.64
N TYR B 121 -17.40 10.64 20.94
CA TYR B 121 -17.36 11.60 22.04
C TYR B 121 -16.27 12.61 21.77
N LYS B 122 -16.61 13.89 21.85
CA LYS B 122 -15.65 14.99 21.75
C LYS B 122 -15.69 15.76 23.06
N GLN B 123 -14.54 15.83 23.74
CA GLN B 123 -14.47 16.52 25.02
C GLN B 123 -14.51 18.03 24.80
N ASP B 124 -15.39 18.70 25.53
CA ASP B 124 -15.56 20.15 25.41
C ASP B 124 -14.60 20.85 26.37
N PHE B 125 -13.64 21.59 25.82
CA PHE B 125 -12.63 22.28 26.62
C PHE B 125 -12.91 23.78 26.75
N SER B 126 -14.18 24.17 26.80
CA SER B 126 -14.55 25.55 27.08
C SER B 126 -14.69 25.82 28.58
N ASN B 127 -14.46 24.81 29.41
CA ASN B 127 -14.55 24.91 30.86
C ASN B 127 -13.48 24.01 31.45
N PRO B 128 -13.12 24.21 32.72
CA PRO B 128 -12.24 23.25 33.39
C PRO B 128 -12.85 21.86 33.36
N THR B 129 -12.01 20.87 33.05
CA THR B 129 -12.49 19.50 32.88
C THR B 129 -11.48 18.53 33.48
N CYS B 130 -11.93 17.32 33.76
CA CYS B 130 -11.06 16.27 34.26
C CYS B 130 -11.54 14.93 33.74
N ARG B 131 -10.63 14.18 33.11
CA ARG B 131 -10.91 12.87 32.56
C ARG B 131 -10.30 11.81 33.47
N VAL B 132 -11.13 10.88 33.94
CA VAL B 132 -10.73 9.84 34.88
C VAL B 132 -11.06 8.49 34.27
N LEU B 133 -10.05 7.66 34.08
CA LEU B 133 -10.24 6.28 33.67
C LEU B 133 -10.01 5.38 34.87
N ALA B 134 -11.00 4.54 35.18
CA ALA B 134 -10.97 3.73 36.40
C ALA B 134 -11.44 2.31 36.10
N THR B 135 -11.23 1.43 37.09
CA THR B 135 -11.61 0.03 37.01
C THR B 135 -12.58 -0.28 38.13
N VAL B 136 -13.61 -1.07 37.82
CA VAL B 136 -14.65 -1.43 38.78
C VAL B 136 -14.17 -2.64 39.58
N PRO B 137 -14.03 -2.53 40.90
CA PRO B 137 -13.64 -3.70 41.70
C PRO B 137 -14.77 -4.71 41.81
N GLN B 138 -14.39 -5.95 42.13
CA GLN B 138 -15.38 -7.01 42.25
C GLN B 138 -16.27 -6.80 43.46
N ASN B 139 -15.90 -5.87 44.35
CA ASN B 139 -16.76 -5.50 45.47
C ASN B 139 -18.13 -5.04 44.97
N LEU B 140 -18.13 -4.09 44.04
CA LEU B 140 -19.37 -3.50 43.56
C LEU B 140 -20.17 -4.51 42.75
N THR B 141 -21.38 -4.81 43.21
CA THR B 141 -22.29 -5.71 42.51
C THR B 141 -23.44 -4.98 41.84
N THR B 142 -23.71 -3.72 42.20
CA THR B 142 -24.79 -2.98 41.58
C THR B 142 -24.45 -2.59 40.15
N ILE B 143 -23.16 -2.59 39.82
CA ILE B 143 -22.70 -2.28 38.47
C ILE B 143 -22.62 -3.59 37.69
N THR B 144 -23.62 -3.87 36.88
CA THR B 144 -23.60 -5.06 36.05
C THR B 144 -22.76 -4.83 34.79
N LYS B 145 -22.20 -5.91 34.26
CA LYS B 145 -21.28 -5.83 33.13
C LYS B 145 -22.01 -5.98 31.81
N PRO B 146 -21.71 -5.14 30.82
CA PRO B 146 -22.19 -5.39 29.47
C PRO B 146 -21.48 -6.56 28.83
N SER B 147 -22.08 -7.08 27.77
CA SER B 147 -21.47 -8.18 27.02
C SER B 147 -20.19 -7.75 26.31
N ASN B 148 -20.19 -6.56 25.71
CA ASN B 148 -19.09 -6.10 24.89
C ASN B 148 -18.82 -4.63 25.13
N TYR B 149 -17.60 -4.20 24.80
CA TYR B 149 -17.33 -2.80 24.52
C TYR B 149 -17.64 -2.53 23.06
N ALA B 150 -18.16 -1.33 22.78
CA ALA B 150 -18.60 -0.98 21.44
C ALA B 150 -18.25 0.47 21.13
N TYR B 151 -18.02 0.74 19.84
CA TYR B 151 -17.90 2.12 19.38
C TYR B 151 -18.21 2.19 17.89
N LEU B 152 -18.50 3.41 17.43
CA LEU B 152 -18.83 3.66 16.04
C LEU B 152 -17.57 3.99 15.23
N THR B 153 -17.47 3.41 14.04
CA THR B 153 -16.32 3.65 13.17
C THR B 153 -16.60 4.68 12.07
N GLU B 154 -17.86 4.95 11.75
CA GLU B 154 -18.20 5.97 10.77
C GLU B 154 -19.66 6.35 10.91
N CYS B 155 -19.98 7.58 10.49
CA CYS B 155 -21.34 8.10 10.51
C CYS B 155 -21.43 9.15 9.41
N TYR B 156 -22.13 8.85 8.33
CA TYR B 156 -22.10 9.72 7.16
C TYR B 156 -23.43 9.68 6.42
N LYS B 157 -23.63 10.68 5.59
CA LYS B 157 -24.70 10.70 4.59
C LYS B 157 -24.13 10.27 3.24
N THR B 158 -24.85 9.39 2.56
CA THR B 158 -24.40 8.84 1.30
C THR B 158 -24.89 9.70 0.13
N SER B 159 -24.13 9.66 -0.96
CA SER B 159 -24.46 10.42 -2.15
C SER B 159 -23.70 9.81 -3.33
N ALA B 160 -23.85 10.43 -4.50
CA ALA B 160 -23.11 9.99 -5.67
C ALA B 160 -21.69 10.54 -5.71
N TYR B 161 -21.35 11.48 -4.84
CA TYR B 161 -20.05 12.13 -4.84
C TYR B 161 -19.17 11.70 -3.66
N GLY B 162 -19.57 10.68 -2.91
CA GLY B 162 -18.76 10.16 -1.83
C GLY B 162 -19.53 10.14 -0.53
N LYS B 163 -18.79 10.11 0.58
CA LYS B 163 -19.38 10.10 1.91
C LYS B 163 -19.29 11.49 2.52
N ASN B 164 -20.40 11.98 3.05
CA ASN B 164 -20.42 13.24 3.79
C ASN B 164 -20.42 12.90 5.27
N TYR B 165 -19.24 12.91 5.88
CA TYR B 165 -19.11 12.53 7.28
C TYR B 165 -19.76 13.54 8.20
N LEU B 166 -20.42 13.05 9.23
CA LEU B 166 -21.06 13.87 10.25
C LEU B 166 -20.27 13.74 11.54
N TYR B 167 -19.77 14.86 12.06
CA TYR B 167 -18.86 14.88 13.19
C TYR B 167 -19.57 15.38 14.44
N ASN B 168 -19.12 14.88 15.59
CA ASN B 168 -19.67 15.31 16.87
C ASN B 168 -19.26 16.74 17.18
N ALA B 169 -20.19 17.51 17.73
CA ALA B 169 -19.87 18.79 18.33
C ALA B 169 -19.23 18.56 19.70
N PRO B 170 -18.48 19.55 20.21
CA PRO B 170 -17.87 19.37 21.54
C PRO B 170 -18.91 19.17 22.64
N GLY B 171 -18.89 17.98 23.26
CA GLY B 171 -19.82 17.65 24.31
C GLY B 171 -21.18 17.16 23.85
N GLY B 172 -21.39 16.97 22.55
CA GLY B 172 -22.67 16.57 22.01
C GLY B 172 -22.72 15.11 21.58
N TYR B 173 -23.92 14.70 21.17
CA TYR B 173 -24.14 13.34 20.74
C TYR B 173 -23.97 13.20 19.23
N THR B 174 -23.86 11.96 18.78
CA THR B 174 -23.73 11.67 17.37
C THR B 174 -25.10 11.69 16.69
N PRO B 175 -25.19 12.23 15.47
CA PRO B 175 -26.46 12.21 14.74
C PRO B 175 -26.88 10.82 14.29
N CYS B 176 -26.00 9.82 14.37
CA CYS B 176 -26.33 8.44 14.05
C CYS B 176 -26.81 7.65 15.26
N LEU B 177 -27.20 8.35 16.34
CA LEU B 177 -27.54 7.65 17.59
C LEU B 177 -28.78 6.78 17.41
N SER B 178 -29.80 7.26 16.70
CA SER B 178 -31.02 6.48 16.50
C SER B 178 -30.74 5.20 15.73
N LEU B 179 -29.88 5.27 14.71
CA LEU B 179 -29.49 4.07 13.98
C LEU B 179 -28.70 3.11 14.86
N ALA B 180 -27.75 3.64 15.64
CA ALA B 180 -26.94 2.80 16.51
C ALA B 180 -27.74 2.17 17.63
N SER B 181 -28.93 2.73 17.93
CA SER B 181 -29.78 2.14 18.96
C SER B 181 -30.29 0.75 18.59
N ARG B 182 -30.22 0.37 17.31
CA ARG B 182 -30.67 -0.96 16.91
C ARG B 182 -29.80 -2.05 17.53
N GLY B 183 -28.49 -1.82 17.59
CA GLY B 183 -27.59 -2.79 18.18
C GLY B 183 -26.62 -3.39 17.18
N PHE B 184 -25.49 -3.89 17.68
CA PHE B 184 -24.46 -4.50 16.84
C PHE B 184 -24.13 -5.88 17.38
N SER B 185 -24.14 -6.88 16.50
CA SER B 185 -23.83 -8.25 16.89
C SER B 185 -22.57 -8.78 16.23
N THR B 186 -21.92 -8.01 15.36
CA THR B 186 -20.69 -8.44 14.71
C THR B 186 -19.82 -7.22 14.47
N LYS B 187 -18.53 -7.47 14.22
CA LYS B 187 -17.59 -6.39 13.95
C LYS B 187 -17.87 -5.74 12.60
N TYR B 188 -17.80 -4.41 12.56
CA TYR B 188 -18.00 -3.63 11.35
C TYR B 188 -19.36 -3.91 10.73
N GLN B 189 -20.41 -3.64 11.50
CA GLN B 189 -21.78 -3.88 11.06
C GLN B 189 -22.49 -2.56 10.81
N SER B 190 -23.22 -2.48 9.69
CA SER B 190 -23.83 -1.24 9.26
C SER B 190 -25.34 -1.24 9.45
N HIS B 191 -25.87 -0.08 9.80
CA HIS B 191 -27.29 0.21 9.82
C HIS B 191 -27.54 1.47 9.01
N SER B 192 -28.51 1.41 8.11
CA SER B 192 -28.85 2.54 7.26
C SER B 192 -30.36 2.69 7.20
N ASP B 193 -30.82 3.94 7.20
CA ASP B 193 -32.23 4.25 7.02
C ASP B 193 -32.54 4.81 5.63
N GLY B 194 -31.54 4.94 4.77
CA GLY B 194 -31.75 5.51 3.44
C GLY B 194 -30.97 6.79 3.22
N GLU B 195 -30.95 7.66 4.23
CA GLU B 195 -30.21 8.92 4.16
C GLU B 195 -29.11 9.01 5.19
N LEU B 196 -28.93 7.98 6.01
CA LEU B 196 -27.90 7.97 7.03
C LEU B 196 -27.36 6.55 7.16
N THR B 197 -26.06 6.44 7.37
CA THR B 197 -25.40 5.15 7.55
C THR B 197 -24.47 5.21 8.74
N THR B 198 -24.48 4.17 9.56
CA THR B 198 -23.56 4.04 10.67
C THR B 198 -22.97 2.64 10.71
N THR B 199 -21.74 2.54 11.17
CA THR B 199 -21.05 1.26 11.30
C THR B 199 -20.49 1.12 12.71
N GLY B 200 -20.69 -0.05 13.30
CA GLY B 200 -20.25 -0.32 14.64
C GLY B 200 -19.23 -1.42 14.77
N TYR B 201 -18.48 -1.37 15.87
CA TYR B 201 -17.41 -2.30 16.22
C TYR B 201 -17.62 -2.73 17.67
N ILE B 202 -17.49 -4.03 17.93
CA ILE B 202 -17.67 -4.59 19.27
C ILE B 202 -16.53 -5.56 19.57
N TYR B 203 -16.23 -5.70 20.86
CA TYR B 203 -15.26 -6.70 21.31
C TYR B 203 -15.55 -7.06 22.76
N PRO B 204 -15.38 -8.32 23.15
CA PRO B 204 -15.89 -8.79 24.44
C PRO B 204 -15.18 -8.17 25.63
N VAL B 205 -15.89 -8.16 26.75
CA VAL B 205 -15.38 -7.64 28.01
C VAL B 205 -14.73 -8.79 28.79
N THR B 206 -13.47 -8.60 29.17
CA THR B 206 -12.72 -9.61 29.90
C THR B 206 -12.20 -9.01 31.20
N GLY B 207 -12.41 -9.72 32.30
CA GLY B 207 -11.95 -9.24 33.59
C GLY B 207 -12.88 -8.22 34.20
N ASN B 208 -12.33 -7.36 35.05
CA ASN B 208 -13.10 -6.29 35.67
C ASN B 208 -13.51 -5.25 34.63
N LEU B 209 -14.70 -4.71 34.81
CA LEU B 209 -15.20 -3.67 33.91
C LEU B 209 -14.44 -2.37 34.12
N GLN B 210 -14.09 -1.72 33.01
CA GLN B 210 -13.38 -0.44 33.05
C GLN B 210 -14.30 0.67 32.54
N MET B 211 -14.20 1.83 33.17
CA MET B 211 -15.11 2.94 32.90
C MET B 211 -14.33 4.24 32.72
N ALA B 212 -14.99 5.18 32.05
CA ALA B 212 -14.46 6.54 31.88
C ALA B 212 -15.49 7.54 32.40
N PHE B 213 -14.99 8.53 33.14
CA PHE B 213 -15.76 9.64 33.65
C PHE B 213 -15.15 10.95 33.15
N ILE B 214 -16.01 11.86 32.71
CA ILE B 214 -15.61 13.21 32.31
C ILE B 214 -16.33 14.18 33.22
N ILE B 215 -15.57 14.96 33.98
CA ILE B 215 -16.11 15.85 35.00
C ILE B 215 -15.88 17.28 34.54
N SER B 216 -16.97 18.05 34.43
CA SER B 216 -16.91 19.44 34.03
C SER B 216 -17.59 20.30 35.09
N VAL B 217 -17.03 21.49 35.30
CA VAL B 217 -17.57 22.43 36.28
C VAL B 217 -17.91 23.73 35.56
N GLN B 218 -19.12 24.22 35.78
CA GLN B 218 -19.57 25.47 35.19
C GLN B 218 -19.89 26.45 36.30
N TYR B 219 -19.27 27.62 36.26
CA TYR B 219 -19.49 28.64 37.27
C TYR B 219 -18.95 30.00 36.83
N ASP B 222 -26.67 30.46 42.33
CA ASP B 222 -25.71 31.47 41.89
C ASP B 222 -24.36 30.82 41.57
N THR B 223 -23.39 31.01 42.45
CA THR B 223 -22.06 30.44 42.30
C THR B 223 -21.65 29.53 43.44
N ASN B 224 -22.50 29.38 44.46
CA ASN B 224 -22.22 28.51 45.59
C ASN B 224 -23.21 27.36 45.71
N SER B 225 -23.84 26.97 44.60
CA SER B 225 -24.81 25.87 44.65
C SER B 225 -24.12 24.57 45.02
N VAL B 226 -23.01 24.26 44.38
CA VAL B 226 -22.29 23.01 44.59
C VAL B 226 -20.95 23.33 45.27
N CYS B 227 -20.87 23.05 46.56
CA CYS B 227 -19.69 23.30 47.39
C CYS B 227 -19.31 22.01 48.12
N PRO B 228 -18.03 21.86 48.47
CA PRO B 228 -17.59 20.67 49.20
C PRO B 228 -18.25 20.53 50.57
C1 NAG C . -9.87 -21.69 10.75
C2 NAG C . -10.54 -21.09 11.99
C3 NAG C . -11.32 -22.15 12.76
C4 NAG C . -12.27 -22.89 11.82
C5 NAG C . -11.45 -23.47 10.68
C6 NAG C . -12.26 -24.26 9.67
C7 NAG C . -9.61 -19.17 13.22
C8 NAG C . -8.48 -18.72 14.10
N2 NAG C . -9.56 -20.46 12.83
O3 NAG C . -11.99 -21.51 13.81
O4 NAG C . -12.90 -23.90 12.58
O5 NAG C . -10.81 -22.42 9.99
O6 NAG C . -12.35 -23.55 8.46
O7 NAG C . -10.50 -18.40 12.88
C1 NAG C . -14.31 -23.62 12.69
C2 NAG C . -15.05 -24.96 12.84
C3 NAG C . -16.53 -24.74 13.15
C4 NAG C . -16.68 -23.79 14.32
C5 NAG C . -15.94 -22.49 13.99
C6 NAG C . -16.06 -21.41 15.03
C7 NAG C . -14.06 -26.83 11.57
C8 NAG C . -14.04 -27.51 10.22
N2 NAG C . -14.88 -25.76 11.66
O3 NAG C . -17.12 -25.98 13.40
O4 NAG C . -18.05 -23.57 14.53
O5 NAG C . -14.57 -22.80 13.80
O6 NAG C . -16.96 -20.42 14.59
O7 NAG C . -13.38 -27.22 12.50
C1 NAG D . 12.05 13.90 16.38
C2 NAG D . 13.37 13.14 16.49
C3 NAG D . 13.50 12.47 17.87
C4 NAG D . 13.20 13.46 19.00
C5 NAG D . 11.86 14.15 18.74
C6 NAG D . 11.50 15.23 19.74
C7 NAG D . 14.44 12.17 14.49
C8 NAG D . 14.35 11.06 13.48
N2 NAG D . 13.48 12.17 15.44
O3 NAG D . 14.80 11.96 17.98
O4 NAG D . 13.19 12.72 20.20
O5 NAG D . 11.91 14.78 17.48
O6 NAG D . 12.44 16.27 19.63
O7 NAG D . 15.31 13.02 14.43
C1 NAG D . 14.08 13.34 21.16
C2 NAG D . 13.71 12.82 22.56
C3 NAG D . 14.67 13.41 23.60
C4 NAG D . 16.11 13.16 23.20
C5 NAG D . 16.33 13.66 21.76
C6 NAG D . 17.74 13.44 21.26
C7 NAG D . 11.34 12.25 22.91
C8 NAG D . 9.98 12.81 23.25
N2 NAG D . 12.34 13.15 22.87
O3 NAG D . 14.35 12.83 24.84
O4 NAG D . 16.94 13.85 24.11
O5 NAG D . 15.43 13.00 20.91
O6 NAG D . 18.51 14.60 21.51
O7 NAG D . 11.50 11.05 22.70
C1 BMA D . 17.55 12.91 25.01
C2 BMA D . 18.80 13.53 25.61
C3 BMA D . 19.39 12.58 26.67
C4 BMA D . 18.36 12.06 27.69
C5 BMA D . 17.03 11.67 27.05
C6 BMA D . 15.91 11.48 28.05
O2 BMA D . 18.45 14.79 26.13
O3 BMA D . 20.48 13.26 27.26
O4 BMA D . 18.97 10.95 28.32
O5 BMA D . 16.63 12.57 26.04
O6 BMA D . 14.98 10.59 27.48
C1 FUC D . 12.32 17.15 20.77
C2 FUC D . 13.70 17.65 21.14
C3 FUC D . 14.30 18.48 20.00
C4 FUC D . 13.36 19.62 19.62
C5 FUC D . 11.96 19.06 19.36
C6 FUC D . 10.91 20.13 19.14
O2 FUC D . 14.50 16.55 21.49
O3 FUC D . 15.56 18.92 20.42
O4 FUC D . 13.39 20.57 20.65
O5 FUC D . 11.51 18.26 20.45
C1 NAG E . 36.36 9.70 0.15
C2 NAG E . 36.73 9.40 -1.30
C3 NAG E . 38.25 9.55 -1.51
C4 NAG E . 38.74 10.89 -0.98
C5 NAG E . 38.27 11.07 0.47
C6 NAG E . 38.67 12.38 1.10
C7 NAG E . 35.17 7.79 -2.32
C8 NAG E . 34.93 6.32 -2.58
N2 NAG E . 36.30 8.07 -1.66
O3 NAG E . 38.51 9.40 -2.88
O4 NAG E . 40.15 10.85 -1.07
O5 NAG E . 36.86 10.96 0.50
O6 NAG E . 38.25 13.44 0.28
O7 NAG E . 34.37 8.63 -2.69
C1 NAG E . 40.64 11.97 -1.85
C2 NAG E . 42.14 12.10 -1.58
C3 NAG E . 42.76 13.19 -2.44
C4 NAG E . 42.39 12.98 -3.91
C5 NAG E . 40.86 12.85 -4.02
C6 NAG E . 40.37 12.65 -5.44
C7 NAG E . 43.08 11.55 0.63
C8 NAG E . 43.22 12.04 2.05
N2 NAG E . 42.39 12.36 -0.19
O3 NAG E . 44.14 13.17 -2.23
O4 NAG E . 42.87 14.09 -4.64
O5 NAG E . 40.44 11.76 -3.23
O6 NAG E . 39.01 13.01 -5.53
O7 NAG E . 43.58 10.49 0.27
C1 BMA E . 44.05 13.69 -5.37
C2 BMA E . 44.04 14.41 -6.72
C3 BMA E . 45.31 13.99 -7.49
C4 BMA E . 46.61 14.19 -6.68
C5 BMA E . 46.48 13.76 -5.22
C6 BMA E . 47.59 14.34 -4.33
O2 BMA E . 43.98 15.79 -6.48
O3 BMA E . 45.29 14.69 -8.71
O4 BMA E . 47.60 13.43 -7.35
O5 BMA E . 45.21 14.05 -4.65
O6 BMA E . 47.76 13.44 -3.25
C1 FUC E . 37.95 14.59 1.11
C2 FUC E . 37.93 15.84 0.22
C3 FUC E . 36.79 15.74 -0.78
C4 FUC E . 35.45 15.53 -0.07
C5 FUC E . 35.58 14.31 0.85
C6 FUC E . 34.36 14.08 1.71
O2 FUC E . 39.19 15.95 -0.39
O3 FUC E . 36.81 16.91 -1.56
O4 FUC E . 35.12 16.71 0.63
O5 FUC E . 36.69 14.45 1.73
C1 NAG F . -19.82 18.04 -9.58
C2 NAG F . -18.90 19.26 -9.71
C3 NAG F . -18.22 19.53 -8.38
C4 NAG F . -19.25 19.63 -7.25
C5 NAG F . -20.16 18.40 -7.28
C6 NAG F . -21.27 18.43 -6.25
C7 NAG F . -18.13 19.46 -12.04
C8 NAG F . -16.98 19.16 -12.97
N2 NAG F . -17.94 19.08 -10.76
O3 NAG F . -17.45 20.70 -8.51
O4 NAG F . -18.55 19.74 -6.04
O5 NAG F . -20.75 18.29 -8.55
O6 NAG F . -22.45 18.91 -6.85
O7 NAG F . -19.16 19.99 -12.43
ZN ZN G . 3.97 -2.67 -1.68
C1 NAG H . -15.42 12.75 51.38
C2 NAG H . -15.53 13.31 52.81
C3 NAG H . -14.39 12.75 53.66
C4 NAG H . -14.38 11.23 53.61
C5 NAG H . -14.34 10.77 52.16
C6 NAG H . -14.39 9.26 52.01
C7 NAG H . -16.29 15.53 53.59
C8 NAG H . -17.30 14.83 54.46
N2 NAG H . -15.49 14.75 52.83
O3 NAG H . -14.53 13.23 54.97
O4 NAG H . -13.26 10.79 54.34
O5 NAG H . -15.42 11.34 51.45
O6 NAG H . -13.20 8.78 51.45
O7 NAG H . -16.21 16.75 53.58
C1 NAG I . -13.39 -4.28 48.98
C2 NAG I . -12.95 -5.70 49.36
C3 NAG I . -11.93 -5.58 50.50
C4 NAG I . -10.81 -4.60 50.15
C5 NAG I . -11.38 -3.29 49.57
C6 NAG I . -10.32 -2.32 49.09
C7 NAG I . -14.07 -7.86 49.75
C8 NAG I . -15.36 -8.50 50.18
N2 NAG I . -14.08 -6.52 49.73
O3 NAG I . -11.43 -6.86 50.78
O4 NAG I . -10.09 -4.36 51.34
O5 NAG I . -12.25 -3.60 48.49
O6 NAG I . -9.09 -2.98 48.93
O7 NAG I . -13.09 -8.53 49.45
#